data_5YJB
#
_entry.id   5YJB
#
_cell.length_a   121.144
_cell.length_b   179.624
_cell.length_c   234.953
_cell.angle_alpha   90.00
_cell.angle_beta   90.00
_cell.angle_gamma   90.00
#
_symmetry.space_group_name_H-M   'I 2 2 2'
#
loop_
_entity.id
_entity.type
_entity.pdbx_description
1 polymer 'Lysine-specific histone demethylase 1A'
2 polymer 'REST corepressor 1'
3 non-polymer 'FLAVIN-ADENINE DINUCLEOTIDE'
4 non-polymer 4-[2-(4-methylphenyl)-5-(piperidin-4-ylmethoxy)pyridin-3-yl]benzenecarbonitrile
5 non-polymer GLYCEROL
#
loop_
_entity_poly.entity_id
_entity_poly.type
_entity_poly.pdbx_seq_one_letter_code
_entity_poly.pdbx_strand_id
1 'polypeptide(L)'
;GPLGSHMSGVEGAAFQSRLPHDRMTSQEAACFPDIISGPQQTQKVFLFIRNRTLQLWLDNPKIQLTFEATLQQLEAPYNS
DTVLVHRVHSYLERHGLINFGIYKRIKPLPTKKTGKVIIIGSGVSGLAAARQLQSFGMDVTLLEARDRVGGRVATFRKGN
YVADLGAMVVTGLGGNPMAVVSKQVNMELAKIKQKCPLYEANGQAVPKEKDEMVEQEFNRLLEATSYLSHQLDFNVLNNK
PVSLGQALEVVIQLQEKHVKDEQIEHWKKIVKTQEELKELLNKMVNLKEKIKELHQQYKEASEVKPPRDITAEFLVKSKH
RDLTALCKEYDELAETQGKLEEKLQELEANPPSDVYLSSRDRQILDWHFANLEFANATPLSTLSLKHWDQDDDFEFTGSH
LTVRNGYSCVPVALAEGLDIKLNTAVRQVRYTASGCEVIAVNTRSTSQTFIYKCDAVLCTLPLGVLKQQPPAVQFVPPLP
EWKTSAVQRMGFGNLNKVVLCFDRVFWDPSVNLFGHVGSTTASRGELFLFWNLYKAPILLALVAGEAAGIMENISDDVIV
GRCLAILKGIFGSSAVPQPKETVVSRWRADPWARGSYSYVAAGSSGNDYDLMAQPITPGPSIPGAPQPIPRLFFAGEHTI
RNYPATVHGALLSGLREAGRIADQFLGAM
;
A
2 'polypeptide(L)'
;GSSGSASRKPPKGMFLSQEDVEAVSANATAATTVLRQLDMELVSVKRQIQNIKQTNSALKEKLDGGIEPYRLPEVIQKCN
ARWTTEEQLLAVQAIRKYGRDFQAISDVIGNKSVVQVKNFFVNYRRRFNIDEVLQEWEAE
;
B
#
loop_
_chem_comp.id
_chem_comp.type
_chem_comp.name
_chem_comp.formula
8WC non-polymer 4-[2-(4-methylphenyl)-5-(piperidin-4-ylmethoxy)pyridin-3-yl]benzenecarbonitrile 'C25 H25 N3 O'
FAD non-polymer 'FLAVIN-ADENINE DINUCLEOTIDE' 'C27 H33 N9 O15 P2'
GOL non-polymer GLYCEROL 'C3 H8 O3'
#
# COMPACT_ATOMS: atom_id res chain seq x y z
N SER A 8 -32.37 -8.53 -3.95
CA SER A 8 -33.36 -9.43 -4.57
C SER A 8 -32.77 -10.82 -4.76
N GLY A 9 -33.63 -11.78 -5.10
CA GLY A 9 -33.20 -13.16 -5.32
C GLY A 9 -32.85 -13.42 -6.77
N VAL A 10 -33.66 -12.85 -7.69
CA VAL A 10 -33.35 -12.94 -9.11
C VAL A 10 -32.13 -12.10 -9.42
N GLU A 11 -32.02 -10.94 -8.79
CA GLU A 11 -30.83 -10.10 -8.97
C GLU A 11 -29.60 -10.74 -8.35
N GLY A 12 -29.78 -11.43 -7.21
CA GLY A 12 -28.65 -12.05 -6.55
C GLY A 12 -28.04 -13.15 -7.39
N ALA A 13 -28.89 -13.95 -8.04
CA ALA A 13 -28.41 -14.98 -8.94
C ALA A 13 -27.45 -14.41 -9.99
N ALA A 14 -27.77 -13.22 -10.52
CA ALA A 14 -26.86 -12.57 -11.45
C ALA A 14 -25.53 -12.24 -10.77
N PHE A 15 -25.59 -11.65 -9.57
CA PHE A 15 -24.38 -11.25 -8.87
C PHE A 15 -23.53 -12.45 -8.49
N GLN A 16 -24.17 -13.54 -8.09
CA GLN A 16 -23.46 -14.77 -7.76
C GLN A 16 -22.86 -15.41 -9.00
N SER A 17 -23.45 -15.17 -10.17
CA SER A 17 -22.87 -15.59 -11.44
C SER A 17 -21.89 -14.56 -12.01
N ARG A 18 -21.41 -13.63 -11.19
CA ARG A 18 -20.47 -12.59 -11.62
C ARG A 18 -21.00 -11.86 -12.86
N LEU A 19 -22.31 -11.57 -12.87
CA LEU A 19 -23.04 -10.99 -14.00
C LEU A 19 -23.80 -9.73 -13.61
N PRO A 20 -23.72 -8.68 -14.42
CA PRO A 20 -24.64 -7.55 -14.25
C PRO A 20 -26.07 -8.02 -14.47
N HIS A 21 -26.96 -7.59 -13.58
CA HIS A 21 -28.34 -8.10 -13.66
C HIS A 21 -29.19 -7.31 -14.64
N ASP A 22 -28.86 -6.04 -14.87
CA ASP A 22 -29.68 -5.17 -15.70
C ASP A 22 -29.04 -4.89 -17.06
N ARG A 23 -28.02 -5.65 -17.45
CA ARG A 23 -27.37 -5.43 -18.72
C ARG A 23 -26.90 -6.76 -19.30
N MET A 24 -26.95 -6.88 -20.63
CA MET A 24 -26.32 -8.02 -21.30
C MET A 24 -24.81 -7.80 -21.40
N THR A 25 -24.05 -8.90 -21.29
CA THR A 25 -22.60 -8.88 -21.37
C THR A 25 -22.14 -8.98 -22.83
N SER A 26 -20.84 -8.74 -23.04
CA SER A 26 -20.27 -8.93 -24.38
C SER A 26 -20.44 -10.38 -24.87
N GLN A 27 -20.19 -11.35 -24.00
CA GLN A 27 -20.38 -12.75 -24.36
C GLN A 27 -21.84 -13.06 -24.68
N GLU A 28 -22.78 -12.37 -24.03
CA GLU A 28 -24.18 -12.60 -24.37
C GLU A 28 -24.51 -11.91 -25.68
N ALA A 29 -23.92 -10.73 -25.92
CA ALA A 29 -24.07 -10.07 -27.21
C ALA A 29 -23.67 -11.01 -28.34
N ALA A 30 -22.56 -11.71 -28.15
CA ALA A 30 -22.05 -12.59 -29.19
C ALA A 30 -23.04 -13.67 -29.59
N CYS A 31 -23.76 -14.26 -28.62
CA CYS A 31 -24.73 -15.32 -28.89
C CYS A 31 -26.16 -14.85 -29.12
N PHE A 32 -26.49 -13.64 -28.72
CA PHE A 32 -27.86 -13.16 -28.87
C PHE A 32 -27.85 -11.78 -29.54
N PRO A 33 -27.14 -11.62 -30.66
CA PRO A 33 -27.01 -10.27 -31.23
C PRO A 33 -28.31 -9.75 -31.78
N ASP A 34 -29.26 -10.62 -32.09
CA ASP A 34 -30.60 -10.14 -32.45
C ASP A 34 -31.22 -9.39 -31.29
N ILE A 35 -30.94 -9.84 -30.06
CA ILE A 35 -31.64 -9.30 -28.90
C ILE A 35 -30.97 -8.04 -28.37
N ILE A 36 -29.64 -8.01 -28.33
CA ILE A 36 -29.00 -6.81 -27.81
C ILE A 36 -29.15 -5.64 -28.78
N SER A 37 -29.18 -5.89 -30.08
CA SER A 37 -29.44 -4.82 -31.04
C SER A 37 -30.93 -4.51 -31.17
N GLY A 38 -31.78 -5.29 -30.49
CA GLY A 38 -33.20 -5.16 -30.60
C GLY A 38 -33.76 -4.18 -29.60
N PRO A 39 -35.09 -4.09 -29.56
CA PRO A 39 -35.75 -3.20 -28.60
C PRO A 39 -35.35 -3.49 -27.15
N GLN A 40 -35.46 -2.44 -26.31
CA GLN A 40 -35.07 -2.57 -24.91
C GLN A 40 -35.99 -3.50 -24.14
N GLN A 41 -37.24 -3.67 -24.58
CA GLN A 41 -38.14 -4.53 -23.85
C GLN A 41 -37.70 -5.99 -23.95
N THR A 42 -37.44 -6.48 -25.15
CA THR A 42 -37.00 -7.88 -25.26
C THR A 42 -35.71 -8.10 -24.47
N GLN A 43 -34.85 -7.08 -24.40
CA GLN A 43 -33.63 -7.19 -23.60
C GLN A 43 -33.95 -7.53 -22.15
N LYS A 44 -34.98 -6.88 -21.57
CA LYS A 44 -35.36 -7.18 -20.19
C LYS A 44 -35.91 -8.60 -20.07
N VAL A 45 -36.78 -9.00 -20.99
CA VAL A 45 -37.28 -10.38 -21.00
C VAL A 45 -36.14 -11.37 -21.04
N PHE A 46 -35.24 -11.21 -22.02
CA PHE A 46 -34.02 -12.01 -22.02
C PHE A 46 -33.38 -12.01 -20.65
N LEU A 47 -33.13 -10.81 -20.12
CA LEU A 47 -32.38 -10.67 -18.89
C LEU A 47 -33.08 -11.39 -17.74
N PHE A 48 -34.41 -11.33 -17.68
CA PHE A 48 -35.11 -12.01 -16.60
C PHE A 48 -35.00 -13.51 -16.74
N ILE A 49 -35.12 -14.01 -17.97
CA ILE A 49 -35.02 -15.44 -18.18
C ILE A 49 -33.65 -15.92 -17.75
N ARG A 50 -32.61 -15.17 -18.13
CA ARG A 50 -31.24 -15.55 -17.79
C ARG A 50 -31.07 -15.57 -16.27
N ASN A 51 -31.51 -14.51 -15.60
CA ASN A 51 -31.33 -14.42 -14.16
C ASN A 51 -32.14 -15.49 -13.43
N ARG A 52 -33.37 -15.72 -13.89
CA ARG A 52 -34.23 -16.71 -13.22
C ARG A 52 -33.71 -18.13 -13.42
N THR A 53 -33.15 -18.42 -14.59
CA THR A 53 -32.57 -19.75 -14.81
C THR A 53 -31.34 -19.95 -13.92
N LEU A 54 -30.49 -18.91 -13.83
CA LEU A 54 -29.38 -18.94 -12.90
C LEU A 54 -29.86 -19.17 -11.47
N GLN A 55 -30.97 -18.53 -11.09
CA GLN A 55 -31.44 -18.66 -9.72
C GLN A 55 -31.85 -20.09 -9.41
N LEU A 56 -32.67 -20.68 -10.29
CA LEU A 56 -33.11 -22.06 -10.09
C LEU A 56 -31.94 -23.02 -9.95
N TRP A 57 -30.91 -22.86 -10.79
CA TRP A 57 -29.70 -23.67 -10.65
C TRP A 57 -28.99 -23.41 -9.33
N LEU A 58 -28.79 -22.13 -9.02
CA LEU A 58 -28.08 -21.77 -7.79
C LEU A 58 -28.83 -22.26 -6.56
N ASP A 59 -30.16 -22.22 -6.60
CA ASP A 59 -30.97 -22.63 -5.46
C ASP A 59 -30.91 -24.12 -5.22
N ASN A 60 -30.30 -24.89 -6.11
CA ASN A 60 -30.16 -26.31 -5.90
C ASN A 60 -29.17 -26.88 -6.89
N PRO A 61 -27.87 -26.80 -6.60
CA PRO A 61 -26.84 -27.23 -7.56
C PRO A 61 -26.49 -28.71 -7.46
N LYS A 62 -27.26 -29.51 -6.74
CA LYS A 62 -27.02 -30.93 -6.68
C LYS A 62 -27.80 -31.72 -7.72
N ILE A 63 -28.68 -31.09 -8.50
CA ILE A 63 -29.42 -31.76 -9.56
C ILE A 63 -29.30 -30.97 -10.85
N GLN A 64 -29.18 -31.70 -11.96
CA GLN A 64 -29.13 -31.09 -13.28
C GLN A 64 -30.42 -30.32 -13.55
N LEU A 65 -30.26 -29.06 -13.94
CA LEU A 65 -31.38 -28.18 -14.26
C LEU A 65 -31.65 -28.28 -15.76
N THR A 66 -32.66 -29.07 -16.14
CA THR A 66 -32.93 -29.29 -17.56
C THR A 66 -33.78 -28.18 -18.13
N PHE A 67 -33.75 -28.06 -19.45
CA PHE A 67 -34.58 -27.07 -20.13
C PHE A 67 -36.06 -27.29 -19.81
N GLU A 68 -36.53 -28.54 -19.85
CA GLU A 68 -37.92 -28.80 -19.49
C GLU A 68 -38.23 -28.29 -18.09
N ALA A 69 -37.36 -28.58 -17.13
CA ALA A 69 -37.55 -28.09 -15.76
C ALA A 69 -37.63 -26.57 -15.72
N THR A 70 -36.73 -25.89 -16.44
CA THR A 70 -36.68 -24.43 -16.43
C THR A 70 -37.97 -23.81 -16.93
N LEU A 71 -38.52 -24.37 -18.02
CA LEU A 71 -39.72 -23.79 -18.62
C LEU A 71 -40.92 -23.92 -17.70
N GLN A 72 -41.13 -25.09 -17.09
CA GLN A 72 -42.27 -25.26 -16.20
C GLN A 72 -42.19 -24.29 -15.02
N GLN A 73 -40.98 -23.85 -14.66
CA GLN A 73 -40.77 -23.00 -13.51
C GLN A 73 -40.91 -21.51 -13.83
N LEU A 74 -40.86 -21.12 -15.10
CA LEU A 74 -41.12 -19.74 -15.48
C LEU A 74 -42.61 -19.44 -15.44
N GLU A 75 -42.96 -18.26 -14.95
CA GLU A 75 -44.33 -17.77 -15.00
C GLU A 75 -44.56 -16.97 -16.27
N ALA A 76 -45.83 -16.78 -16.61
CA ALA A 76 -46.16 -15.97 -17.76
C ALA A 76 -45.67 -14.53 -17.54
N PRO A 77 -45.33 -13.81 -18.63
CA PRO A 77 -45.35 -14.26 -20.01
C PRO A 77 -44.01 -14.80 -20.46
N TYR A 78 -43.09 -15.02 -19.51
CA TYR A 78 -41.73 -15.37 -19.88
C TYR A 78 -41.62 -16.76 -20.46
N ASN A 79 -42.59 -17.64 -20.19
CA ASN A 79 -42.60 -18.97 -20.77
C ASN A 79 -43.38 -19.03 -22.08
N SER A 80 -43.56 -17.91 -22.77
CA SER A 80 -44.34 -17.91 -24.01
C SER A 80 -43.46 -18.08 -25.25
N ASP A 81 -42.27 -17.47 -25.26
CA ASP A 81 -41.31 -17.73 -26.32
C ASP A 81 -40.41 -18.85 -25.83
N THR A 82 -40.82 -20.09 -26.07
CA THR A 82 -40.04 -21.24 -25.60
C THR A 82 -38.70 -21.32 -26.32
N VAL A 83 -38.63 -20.87 -27.58
CA VAL A 83 -37.35 -20.85 -28.26
C VAL A 83 -36.40 -19.88 -27.59
N LEU A 84 -36.90 -18.73 -27.13
CA LEU A 84 -36.04 -17.82 -26.38
C LEU A 84 -35.52 -18.49 -25.12
N VAL A 85 -36.42 -19.09 -24.32
CA VAL A 85 -36.01 -19.82 -23.13
C VAL A 85 -34.99 -20.89 -23.48
N HIS A 86 -35.22 -21.62 -24.58
CA HIS A 86 -34.32 -22.71 -24.93
C HIS A 86 -32.92 -22.19 -25.29
N ARG A 87 -32.84 -21.09 -26.06
CA ARG A 87 -31.53 -20.51 -26.36
C ARG A 87 -30.79 -20.13 -25.07
N VAL A 88 -31.47 -19.42 -24.17
CA VAL A 88 -30.86 -19.00 -22.92
C VAL A 88 -30.35 -20.19 -22.14
N HIS A 89 -31.19 -21.23 -21.98
CA HIS A 89 -30.80 -22.37 -21.17
C HIS A 89 -29.57 -23.06 -21.74
N SER A 90 -29.54 -23.26 -23.07
CA SER A 90 -28.39 -23.89 -23.68
C SER A 90 -27.16 -23.00 -23.58
N TYR A 91 -27.34 -21.69 -23.70
CA TYR A 91 -26.22 -20.76 -23.52
C TYR A 91 -25.57 -20.94 -22.16
N LEU A 92 -26.39 -20.92 -21.10
CA LEU A 92 -25.85 -21.06 -19.75
C LEU A 92 -25.18 -22.41 -19.57
N GLU A 93 -25.81 -23.49 -20.08
CA GLU A 93 -25.23 -24.82 -19.94
C GLU A 93 -23.86 -24.89 -20.62
N ARG A 94 -23.77 -24.34 -21.83
CA ARG A 94 -22.53 -24.43 -22.60
C ARG A 94 -21.41 -23.68 -21.90
N HIS A 95 -21.70 -22.47 -21.45
CA HIS A 95 -20.64 -21.69 -20.83
C HIS A 95 -20.45 -22.02 -19.38
N GLY A 96 -21.15 -23.04 -18.87
CA GLY A 96 -20.89 -23.52 -17.52
C GLY A 96 -21.39 -22.62 -16.42
N LEU A 97 -22.44 -21.86 -16.69
CA LEU A 97 -23.07 -21.04 -15.66
C LEU A 97 -24.09 -21.83 -14.87
N ILE A 98 -24.59 -22.91 -15.45
CA ILE A 98 -25.51 -23.81 -14.78
C ILE A 98 -25.05 -25.21 -15.12
N ASN A 99 -25.47 -26.18 -14.32
CA ASN A 99 -25.09 -27.57 -14.51
C ASN A 99 -23.57 -27.71 -14.69
N PHE A 100 -22.84 -27.29 -13.66
CA PHE A 100 -21.39 -27.47 -13.60
C PHE A 100 -21.03 -28.04 -12.24
N GLY A 101 -19.79 -28.51 -12.13
CA GLY A 101 -19.35 -29.18 -10.92
C GLY A 101 -19.89 -30.59 -10.84
N ILE A 102 -20.49 -30.93 -9.71
CA ILE A 102 -20.85 -32.31 -9.38
C ILE A 102 -22.33 -32.35 -9.04
N TYR A 103 -23.14 -32.78 -10.00
CA TYR A 103 -24.58 -32.88 -9.84
C TYR A 103 -25.05 -34.26 -10.27
N LYS A 104 -26.23 -34.65 -9.79
CA LYS A 104 -26.90 -35.84 -10.30
C LYS A 104 -27.53 -35.50 -11.64
N ARG A 105 -27.32 -36.36 -12.63
CA ARG A 105 -27.91 -36.16 -13.94
C ARG A 105 -29.31 -36.75 -13.96
N ILE A 106 -30.25 -36.00 -14.53
CA ILE A 106 -31.56 -36.57 -14.84
C ILE A 106 -31.45 -37.47 -16.07
N LYS A 107 -30.92 -36.91 -17.16
CA LYS A 107 -30.65 -37.67 -18.38
C LYS A 107 -29.33 -38.40 -18.23
N PRO A 108 -29.30 -39.74 -18.25
CA PRO A 108 -28.01 -40.45 -18.26
C PRO A 108 -27.24 -40.15 -19.54
N LEU A 109 -25.92 -40.06 -19.40
CA LEU A 109 -25.08 -39.55 -20.48
C LEU A 109 -25.20 -40.44 -21.72
N PRO A 110 -25.30 -39.85 -22.91
CA PRO A 110 -25.52 -40.68 -24.10
C PRO A 110 -24.24 -41.41 -24.47
N THR A 111 -24.41 -42.67 -24.87
CA THR A 111 -23.27 -43.52 -25.18
C THR A 111 -22.59 -43.11 -26.48
N LYS A 112 -23.27 -42.39 -27.36
CA LYS A 112 -22.69 -41.88 -28.60
C LYS A 112 -21.76 -40.72 -28.26
N LYS A 113 -20.46 -40.99 -28.14
CA LYS A 113 -19.52 -39.93 -27.83
C LYS A 113 -18.98 -39.32 -29.12
N THR A 114 -18.78 -38.01 -29.11
CA THR A 114 -18.40 -37.26 -30.29
C THR A 114 -17.12 -36.46 -30.05
N GLY A 115 -16.11 -36.68 -30.89
CA GLY A 115 -14.84 -35.95 -30.79
C GLY A 115 -13.91 -36.46 -29.70
N LYS A 116 -12.60 -36.31 -29.86
CA LYS A 116 -11.64 -36.80 -28.89
C LYS A 116 -10.77 -35.65 -28.38
N VAL A 117 -10.73 -35.47 -27.06
CA VAL A 117 -9.98 -34.39 -26.45
C VAL A 117 -9.00 -34.98 -25.44
N ILE A 118 -7.72 -34.62 -25.58
CA ILE A 118 -6.67 -34.93 -24.61
C ILE A 118 -6.41 -33.69 -23.76
N ILE A 119 -6.56 -33.84 -22.44
CA ILE A 119 -6.36 -32.76 -21.47
C ILE A 119 -5.09 -33.04 -20.69
N ILE A 120 -4.11 -32.13 -20.80
CA ILE A 120 -2.86 -32.23 -20.06
C ILE A 120 -3.03 -31.64 -18.65
N GLY A 121 -2.85 -32.47 -17.66
CA GLY A 121 -2.88 -32.05 -16.27
C GLY A 121 -4.27 -32.28 -15.71
N SER A 122 -4.36 -32.81 -14.48
CA SER A 122 -5.65 -32.84 -13.82
C SER A 122 -5.62 -31.96 -12.57
N GLY A 123 -5.13 -30.73 -12.73
CA GLY A 123 -5.41 -29.67 -11.78
C GLY A 123 -6.90 -29.37 -11.83
N VAL A 124 -7.33 -28.34 -11.11
CA VAL A 124 -8.75 -28.04 -11.08
C VAL A 124 -9.22 -27.53 -12.44
N SER A 125 -8.40 -26.70 -13.10
CA SER A 125 -8.77 -26.26 -14.43
C SER A 125 -8.97 -27.45 -15.35
N GLY A 126 -7.97 -28.33 -15.44
CA GLY A 126 -8.11 -29.53 -16.24
C GLY A 126 -9.34 -30.34 -15.87
N LEU A 127 -9.55 -30.59 -14.57
CA LEU A 127 -10.66 -31.43 -14.14
C LEU A 127 -12.00 -30.82 -14.53
N ALA A 128 -12.17 -29.51 -14.30
CA ALA A 128 -13.45 -28.88 -14.58
C ALA A 128 -13.79 -28.96 -16.07
N ALA A 129 -12.85 -28.56 -16.94
CA ALA A 129 -13.03 -28.74 -18.38
C ALA A 129 -13.43 -30.17 -18.74
N ALA A 130 -12.70 -31.16 -18.21
CA ALA A 130 -12.99 -32.55 -18.52
C ALA A 130 -14.43 -32.91 -18.19
N ARG A 131 -14.89 -32.56 -16.99
CA ARG A 131 -16.25 -32.91 -16.59
C ARG A 131 -17.27 -32.31 -17.55
N GLN A 132 -17.05 -31.05 -17.97
CA GLN A 132 -17.95 -30.39 -18.90
C GLN A 132 -17.97 -31.10 -20.25
N LEU A 133 -16.80 -31.19 -20.88
CA LEU A 133 -16.68 -31.89 -22.15
C LEU A 133 -17.33 -33.27 -22.10
N GLN A 134 -17.14 -34.01 -21.01
CA GLN A 134 -17.86 -35.26 -20.86
C GLN A 134 -19.37 -35.03 -20.85
N SER A 135 -19.84 -34.05 -20.05
CA SER A 135 -21.27 -33.71 -20.01
C SER A 135 -21.81 -33.42 -21.40
N PHE A 136 -21.01 -32.74 -22.22
CA PHE A 136 -21.38 -32.37 -23.58
C PHE A 136 -21.31 -33.54 -24.56
N GLY A 137 -20.88 -34.71 -24.11
CA GLY A 137 -20.84 -35.89 -24.94
C GLY A 137 -19.54 -36.14 -25.67
N MET A 138 -18.44 -35.49 -25.30
CA MET A 138 -17.19 -35.79 -25.98
C MET A 138 -16.42 -36.87 -25.23
N ASP A 139 -15.46 -37.47 -25.95
CA ASP A 139 -14.50 -38.40 -25.36
C ASP A 139 -13.31 -37.62 -24.81
N VAL A 140 -13.09 -37.71 -23.50
CA VAL A 140 -12.08 -36.93 -22.81
C VAL A 140 -11.18 -37.84 -22.01
N THR A 141 -9.87 -37.71 -22.21
CA THR A 141 -8.87 -38.41 -21.41
C THR A 141 -7.87 -37.40 -20.87
N LEU A 142 -7.59 -37.50 -19.56
CA LEU A 142 -6.63 -36.60 -18.91
C LEU A 142 -5.31 -37.33 -18.68
N LEU A 143 -4.21 -36.62 -18.95
CA LEU A 143 -2.86 -37.09 -18.69
C LEU A 143 -2.27 -36.27 -17.56
N GLU A 144 -1.88 -36.95 -16.47
CA GLU A 144 -1.39 -36.30 -15.26
C GLU A 144 0.00 -36.87 -14.93
N ALA A 145 0.99 -35.98 -14.80
CA ALA A 145 2.35 -36.41 -14.49
C ALA A 145 2.45 -36.99 -13.08
N ARG A 146 1.72 -36.42 -12.13
CA ARG A 146 1.80 -36.86 -10.75
C ARG A 146 1.03 -38.15 -10.56
N ASP A 147 1.19 -38.73 -9.37
CA ASP A 147 0.45 -39.91 -8.95
C ASP A 147 -0.87 -39.57 -8.27
N ARG A 148 -1.36 -38.34 -8.44
CA ARG A 148 -2.62 -37.95 -7.82
C ARG A 148 -3.26 -36.85 -8.65
N VAL A 149 -4.53 -36.62 -8.39
CA VAL A 149 -5.19 -35.47 -8.98
C VAL A 149 -4.98 -34.24 -8.10
N GLY A 150 -5.37 -33.07 -8.62
CA GLY A 150 -5.44 -31.86 -7.84
C GLY A 150 -4.37 -30.84 -8.12
N GLY A 151 -3.24 -31.23 -8.71
CA GLY A 151 -2.22 -30.26 -9.03
C GLY A 151 -1.81 -29.48 -7.82
N ARG A 152 -1.87 -28.16 -7.92
CA ARG A 152 -1.51 -27.24 -6.81
C ARG A 152 -2.56 -27.23 -5.66
N VAL A 153 -3.54 -28.13 -5.66
CA VAL A 153 -4.41 -28.42 -4.53
C VAL A 153 -4.00 -29.79 -4.03
N ALA A 154 -3.39 -29.83 -2.82
CA ALA A 154 -2.59 -30.96 -2.38
C ALA A 154 -2.66 -31.05 -0.85
N THR A 155 -3.48 -31.97 -0.33
CA THR A 155 -3.70 -32.08 1.10
C THR A 155 -2.86 -33.19 1.72
N PHE A 156 -1.95 -32.83 2.62
CA PHE A 156 -1.25 -33.82 3.43
C PHE A 156 -2.21 -34.49 4.42
N ARG A 157 -2.21 -35.83 4.43
CA ARG A 157 -3.01 -36.63 5.36
C ARG A 157 -2.16 -37.74 5.96
N LYS A 158 -2.13 -37.82 7.29
CA LYS A 158 -1.41 -38.88 7.99
C LYS A 158 -2.02 -39.02 9.38
N GLY A 159 -2.66 -40.16 9.64
CA GLY A 159 -3.39 -40.34 10.89
C GLY A 159 -4.55 -39.37 11.04
N ASN A 160 -4.70 -38.81 12.24
CA ASN A 160 -5.65 -37.73 12.52
C ASN A 160 -5.27 -36.43 11.85
N TYR A 161 -4.05 -36.31 11.32
CA TYR A 161 -3.52 -35.04 10.84
C TYR A 161 -3.92 -34.78 9.40
N VAL A 162 -4.38 -33.56 9.14
CA VAL A 162 -4.79 -33.12 7.81
C VAL A 162 -4.33 -31.67 7.63
N ALA A 163 -3.62 -31.39 6.55
CA ALA A 163 -3.11 -30.05 6.36
C ALA A 163 -2.79 -29.82 4.89
N ASP A 164 -3.36 -28.76 4.33
CA ASP A 164 -3.18 -28.43 2.93
C ASP A 164 -1.79 -27.83 2.68
N LEU A 165 -1.01 -28.50 1.85
CA LEU A 165 0.23 -27.91 1.36
C LEU A 165 0.02 -26.96 0.19
N GLY A 166 -1.20 -26.90 -0.35
CA GLY A 166 -1.45 -26.08 -1.52
C GLY A 166 -2.46 -24.98 -1.24
N ALA A 167 -3.52 -24.93 -2.02
CA ALA A 167 -4.58 -23.97 -1.77
C ALA A 167 -5.26 -24.28 -0.44
N MET A 168 -5.73 -23.21 0.23
CA MET A 168 -6.29 -23.39 1.57
C MET A 168 -7.43 -22.43 1.87
N VAL A 169 -7.54 -21.34 1.10
CA VAL A 169 -8.49 -20.26 1.41
C VAL A 169 -9.51 -20.12 0.28
N VAL A 170 -10.77 -19.87 0.66
CA VAL A 170 -11.81 -19.44 -0.27
C VAL A 170 -11.97 -17.93 -0.06
N THR A 171 -11.52 -17.13 -1.04
CA THR A 171 -11.41 -15.68 -0.86
C THR A 171 -12.78 -14.99 -1.06
N GLY A 172 -13.71 -15.35 -0.17
CA GLY A 172 -15.11 -14.93 -0.11
C GLY A 172 -16.01 -15.82 -0.93
N LEU A 173 -17.28 -15.91 -0.51
CA LEU A 173 -18.25 -16.74 -1.24
C LEU A 173 -19.17 -15.94 -2.17
N GLY A 174 -19.19 -14.61 -2.07
CA GLY A 174 -20.10 -13.81 -2.85
C GLY A 174 -19.61 -13.64 -4.27
N GLY A 175 -20.17 -14.42 -5.19
CA GLY A 175 -19.73 -14.43 -6.56
C GLY A 175 -18.73 -15.52 -6.86
N ASN A 176 -18.34 -16.32 -5.86
CA ASN A 176 -17.36 -17.38 -6.06
C ASN A 176 -18.06 -18.65 -6.53
N PRO A 177 -17.63 -19.24 -7.66
CA PRO A 177 -18.18 -20.55 -8.03
C PRO A 177 -17.89 -21.64 -7.01
N MET A 178 -16.84 -21.48 -6.20
CA MET A 178 -16.57 -22.49 -5.17
C MET A 178 -17.66 -22.54 -4.13
N ALA A 179 -18.45 -21.46 -4.01
CA ALA A 179 -19.69 -21.51 -3.22
C ALA A 179 -20.64 -22.55 -3.78
N VAL A 180 -20.74 -22.66 -5.10
CA VAL A 180 -21.58 -23.70 -5.70
C VAL A 180 -20.98 -25.07 -5.43
N VAL A 181 -19.67 -25.21 -5.64
CA VAL A 181 -19.02 -26.50 -5.45
C VAL A 181 -19.22 -26.99 -4.04
N SER A 182 -18.97 -26.12 -3.06
CA SER A 182 -19.03 -26.50 -1.66
C SER A 182 -20.41 -27.01 -1.24
N LYS A 183 -21.47 -26.48 -1.85
CA LYS A 183 -22.77 -27.11 -1.63
C LYS A 183 -22.79 -28.53 -2.18
N GLN A 184 -22.09 -28.79 -3.29
CA GLN A 184 -22.10 -30.12 -3.88
C GLN A 184 -21.22 -31.09 -3.10
N VAL A 185 -20.00 -30.66 -2.73
CA VAL A 185 -19.02 -31.53 -2.09
C VAL A 185 -19.14 -31.57 -0.57
N ASN A 186 -19.97 -30.71 0.02
CA ASN A 186 -20.15 -30.67 1.48
C ASN A 186 -18.80 -30.65 2.19
N MET A 187 -17.91 -29.80 1.70
CA MET A 187 -16.69 -29.49 2.41
C MET A 187 -16.97 -28.45 3.49
N GLU A 188 -16.15 -28.48 4.54
CA GLU A 188 -16.38 -27.73 5.76
C GLU A 188 -15.49 -26.48 5.77
N LEU A 189 -16.13 -25.30 5.70
CA LEU A 189 -15.43 -24.02 5.66
C LEU A 189 -15.53 -23.29 6.99
N ALA A 190 -14.52 -22.49 7.32
CA ALA A 190 -14.42 -21.86 8.63
C ALA A 190 -13.77 -20.48 8.54
N LYS A 191 -14.27 -19.53 9.34
CA LYS A 191 -13.78 -18.16 9.24
C LYS A 191 -12.38 -18.03 9.84
N ILE A 192 -11.76 -16.87 9.62
CA ILE A 192 -10.43 -16.56 10.15
C ILE A 192 -10.49 -15.34 11.06
N LYS A 193 -10.18 -15.54 12.33
CA LYS A 193 -10.10 -14.41 13.26
C LYS A 193 -8.93 -13.51 12.90
N GLN A 194 -9.22 -12.22 12.71
CA GLN A 194 -8.30 -11.23 12.17
C GLN A 194 -7.20 -10.79 13.13
N LYS A 195 -7.32 -11.05 14.43
CA LYS A 195 -6.32 -10.62 15.40
C LYS A 195 -5.01 -11.35 15.18
N CYS A 196 -3.93 -10.59 15.00
CA CYS A 196 -2.62 -11.19 14.70
C CYS A 196 -1.52 -10.55 15.53
N PRO A 197 -1.32 -11.03 16.76
CA PRO A 197 -0.20 -10.52 17.56
C PRO A 197 1.13 -10.77 16.88
N LEU A 198 1.93 -9.73 16.79
CA LEU A 198 3.29 -9.84 16.25
C LEU A 198 4.28 -9.89 17.41
N TYR A 199 5.15 -10.89 17.39
CA TYR A 199 6.23 -10.98 18.36
C TYR A 199 7.55 -10.64 17.66
N GLU A 200 8.31 -9.72 18.24
CA GLU A 200 9.63 -9.44 17.69
C GLU A 200 10.55 -10.62 17.98
N ALA A 201 11.71 -10.61 17.32
CA ALA A 201 12.66 -11.72 17.40
C ALA A 201 13.02 -12.09 18.85
N ASN A 202 12.96 -11.12 19.77
CA ASN A 202 13.20 -11.41 21.18
C ASN A 202 12.11 -12.27 21.81
N GLY A 203 10.98 -12.47 21.13
CA GLY A 203 9.89 -13.25 21.67
C GLY A 203 8.87 -12.47 22.49
N GLN A 204 9.16 -11.22 22.85
CA GLN A 204 8.17 -10.32 23.41
C GLN A 204 7.23 -9.80 22.31
N ALA A 205 6.00 -9.52 22.68
CA ALA A 205 5.03 -9.09 21.68
C ALA A 205 5.20 -7.60 21.35
N VAL A 206 4.62 -7.21 20.22
CA VAL A 206 4.59 -5.79 19.85
C VAL A 206 3.40 -5.15 20.56
N PRO A 207 3.63 -4.10 21.35
CA PRO A 207 2.51 -3.44 22.03
C PRO A 207 1.50 -2.86 21.05
N LYS A 208 0.27 -2.66 21.55
CA LYS A 208 -0.85 -2.25 20.72
C LYS A 208 -0.59 -0.91 20.03
N GLU A 209 -0.19 0.10 20.81
CA GLU A 209 0.09 1.42 20.27
C GLU A 209 0.92 1.33 18.99
N LYS A 210 1.87 0.41 18.94
CA LYS A 210 2.83 0.39 17.85
C LYS A 210 2.38 -0.52 16.71
N ASP A 211 1.74 -1.65 17.02
CA ASP A 211 1.20 -2.50 15.97
C ASP A 211 0.29 -1.69 15.05
N GLU A 212 -0.63 -0.92 15.65
CA GLU A 212 -1.57 -0.14 14.86
C GLU A 212 -0.88 1.04 14.18
N MET A 213 -0.06 1.78 14.92
CA MET A 213 0.66 2.91 14.31
C MET A 213 1.36 2.49 13.03
N VAL A 214 1.88 1.28 12.96
CA VAL A 214 2.67 0.86 11.81
C VAL A 214 1.79 0.26 10.73
N GLU A 215 0.82 -0.57 11.10
CA GLU A 215 -0.11 -1.12 10.12
C GLU A 215 -0.77 -0.01 9.31
N GLN A 216 -1.24 1.03 10.01
CA GLN A 216 -1.82 2.17 9.31
C GLN A 216 -0.78 2.90 8.47
N GLU A 217 0.45 3.00 8.95
CA GLU A 217 1.48 3.62 8.12
C GLU A 217 1.73 2.78 6.89
N PHE A 218 1.70 1.46 7.04
CA PHE A 218 1.85 0.57 5.90
C PHE A 218 0.72 0.80 4.90
N ASN A 219 -0.52 0.82 5.39
CA ASN A 219 -1.63 1.05 4.47
C ASN A 219 -1.49 2.40 3.77
N ARG A 220 -0.99 3.42 4.47
CA ARG A 220 -0.79 4.71 3.85
C ARG A 220 0.26 4.63 2.74
N LEU A 221 1.39 3.98 3.02
CA LEU A 221 2.43 3.86 2.01
C LEU A 221 1.92 3.16 0.74
N LEU A 222 1.01 2.19 0.89
CA LEU A 222 0.45 1.56 -0.31
C LEU A 222 -0.28 2.61 -1.14
N GLU A 223 -1.32 3.22 -0.56
CA GLU A 223 -2.04 4.26 -1.28
C GLU A 223 -1.08 5.29 -1.86
N ALA A 224 0.01 5.57 -1.14
CA ALA A 224 0.99 6.51 -1.65
C ALA A 224 1.53 6.08 -3.00
N THR A 225 1.87 4.80 -3.15
CA THR A 225 2.39 4.32 -4.43
C THR A 225 1.33 4.41 -5.53
N SER A 226 0.07 4.12 -5.19
CA SER A 226 -1.00 4.23 -6.18
C SER A 226 -1.17 5.66 -6.67
N TYR A 227 -1.18 6.62 -5.75
CA TYR A 227 -1.13 8.02 -6.17
C TYR A 227 0.10 8.25 -7.02
N LEU A 228 1.26 7.80 -6.52
CA LEU A 228 2.50 7.88 -7.29
C LEU A 228 2.32 7.26 -8.67
N SER A 229 1.59 6.15 -8.75
CA SER A 229 1.37 5.50 -10.03
C SER A 229 0.42 6.31 -10.92
N HIS A 230 -0.81 6.51 -10.46
CA HIS A 230 -1.86 7.02 -11.35
C HIS A 230 -1.80 8.53 -11.54
N GLN A 231 -1.50 9.27 -10.48
CA GLN A 231 -1.56 10.73 -10.54
C GLN A 231 -0.26 11.37 -11.01
N LEU A 232 0.87 10.69 -10.84
CA LEU A 232 2.17 11.26 -11.21
C LEU A 232 2.83 10.53 -12.38
N ASP A 233 2.11 9.59 -12.99
CA ASP A 233 2.56 8.89 -14.20
C ASP A 233 3.96 8.30 -14.03
N PHE A 234 4.29 7.93 -12.79
CA PHE A 234 5.61 7.41 -12.42
C PHE A 234 5.61 5.89 -12.60
N ASN A 235 5.62 5.45 -13.86
CA ASN A 235 5.57 4.04 -14.17
C ASN A 235 6.73 3.56 -15.02
N VAL A 236 7.66 4.44 -15.39
CA VAL A 236 8.87 4.06 -16.10
C VAL A 236 10.03 4.84 -15.50
N LEU A 237 11.16 4.17 -15.29
CA LEU A 237 12.34 4.82 -14.75
C LEU A 237 13.58 4.23 -15.41
N ASN A 238 14.29 5.06 -16.19
CA ASN A 238 15.48 4.64 -16.94
C ASN A 238 15.15 3.50 -17.90
N ASN A 239 14.08 3.69 -18.66
CA ASN A 239 13.60 2.76 -19.70
C ASN A 239 13.14 1.42 -19.14
N LYS A 240 13.06 1.26 -17.82
CA LYS A 240 12.56 0.00 -17.30
C LYS A 240 11.28 0.23 -16.50
N PRO A 241 10.38 -0.75 -16.49
CA PRO A 241 9.09 -0.56 -15.79
C PRO A 241 9.25 -0.54 -14.28
N VAL A 242 8.65 0.46 -13.64
CA VAL A 242 8.72 0.63 -12.20
C VAL A 242 7.99 -0.51 -11.50
N SER A 243 8.56 -0.99 -10.39
CA SER A 243 7.92 -2.03 -9.59
C SER A 243 7.31 -1.46 -8.32
N LEU A 244 6.31 -2.19 -7.78
CA LEU A 244 5.73 -1.79 -6.50
C LEU A 244 6.80 -1.63 -5.43
N GLY A 245 7.81 -2.50 -5.46
CA GLY A 245 8.94 -2.32 -4.57
C GLY A 245 9.60 -0.96 -4.70
N GLN A 246 10.01 -0.60 -5.93
CA GLN A 246 10.75 0.66 -6.07
C GLN A 246 9.88 1.82 -5.65
N ALA A 247 8.59 1.77 -5.98
CA ALA A 247 7.70 2.86 -5.60
C ALA A 247 7.68 3.03 -4.08
N LEU A 248 7.47 1.95 -3.34
CA LEU A 248 7.50 2.03 -1.87
C LEU A 248 8.82 2.60 -1.36
N GLU A 249 9.93 2.17 -1.95
CA GLU A 249 11.22 2.71 -1.55
C GLU A 249 11.28 4.23 -1.80
N VAL A 250 10.76 4.67 -2.95
CA VAL A 250 10.75 6.10 -3.27
C VAL A 250 9.83 6.85 -2.32
N VAL A 251 8.64 6.28 -2.06
CA VAL A 251 7.72 6.92 -1.13
C VAL A 251 8.37 7.08 0.24
N ILE A 252 9.03 6.02 0.73
CA ILE A 252 9.65 6.10 2.04
C ILE A 252 10.74 7.17 2.06
N GLN A 253 11.63 7.15 1.08
CA GLN A 253 12.66 8.18 1.00
C GLN A 253 12.05 9.57 1.07
N LEU A 254 10.88 9.76 0.46
CA LEU A 254 10.28 11.09 0.46
C LEU A 254 9.72 11.46 1.84
N GLN A 255 9.25 10.47 2.61
CA GLN A 255 8.85 10.73 3.99
C GLN A 255 10.06 11.02 4.87
N GLU A 256 11.17 10.31 4.64
CA GLU A 256 12.39 10.63 5.35
C GLU A 256 12.93 12.00 4.96
N LYS A 257 12.82 12.36 3.68
CA LYS A 257 13.19 13.72 3.25
C LYS A 257 12.34 14.75 3.96
N HIS A 258 11.02 14.55 3.97
CA HIS A 258 10.13 15.56 4.54
C HIS A 258 10.32 15.70 6.05
N VAL A 259 10.68 14.62 6.74
CA VAL A 259 10.98 14.72 8.17
C VAL A 259 12.18 15.63 8.41
N LYS A 260 13.23 15.47 7.60
CA LYS A 260 14.40 16.35 7.70
C LYS A 260 14.07 17.76 7.27
N ASP A 261 13.17 17.93 6.29
CA ASP A 261 12.75 19.27 5.91
C ASP A 261 12.12 20.00 7.09
N GLU A 262 11.21 19.33 7.81
CA GLU A 262 10.55 19.95 8.95
C GLU A 262 11.54 20.37 10.02
N GLN A 263 12.58 19.56 10.25
CA GLN A 263 13.56 19.92 11.25
C GLN A 263 14.32 21.18 10.84
N ILE A 264 14.73 21.26 9.57
CA ILE A 264 15.47 22.43 9.14
C ILE A 264 14.61 23.69 9.22
N GLU A 265 13.34 23.60 8.79
CA GLU A 265 12.43 24.75 8.94
C GLU A 265 12.32 25.17 10.40
N HIS A 266 12.27 24.20 11.32
CA HIS A 266 12.01 24.49 12.72
C HIS A 266 13.22 25.12 13.39
N TRP A 267 14.41 24.52 13.21
CA TRP A 267 15.61 25.14 13.76
C TRP A 267 15.95 26.44 13.05
N LYS A 268 15.49 26.64 11.81
CA LYS A 268 15.71 27.91 11.14
C LYS A 268 14.80 29.01 11.70
N LYS A 269 13.64 28.65 12.27
CA LYS A 269 12.86 29.63 13.00
C LYS A 269 13.59 30.07 14.27
N ILE A 270 14.44 29.20 14.81
CA ILE A 270 15.13 29.53 16.04
C ILE A 270 16.29 30.49 15.78
N VAL A 271 17.14 30.22 14.77
CA VAL A 271 18.20 31.19 14.47
C VAL A 271 17.61 32.55 14.13
N LYS A 272 16.53 32.56 13.34
CA LYS A 272 15.92 33.83 12.98
C LYS A 272 15.57 34.62 14.24
N THR A 273 14.97 33.95 15.22
CA THR A 273 14.58 34.61 16.46
C THR A 273 15.79 34.90 17.35
N GLN A 274 16.70 33.94 17.50
CA GLN A 274 17.92 34.20 18.26
C GLN A 274 18.70 35.39 17.69
N GLU A 275 18.71 35.54 16.35
CA GLU A 275 19.43 36.66 15.76
C GLU A 275 18.72 37.99 15.99
N GLU A 276 17.38 38.00 16.06
CA GLU A 276 16.68 39.20 16.50
C GLU A 276 17.07 39.53 17.93
N LEU A 277 17.06 38.52 18.81
CA LEU A 277 17.50 38.68 20.19
C LEU A 277 18.93 39.21 20.26
N LYS A 278 19.83 38.67 19.42
CA LYS A 278 21.20 39.17 19.38
C LYS A 278 21.24 40.66 19.09
N GLU A 279 20.47 41.11 18.11
CA GLU A 279 20.46 42.53 17.79
C GLU A 279 19.80 43.35 18.90
N LEU A 280 18.77 42.79 19.53
CA LEU A 280 18.13 43.49 20.65
C LEU A 280 19.10 43.67 21.80
N LEU A 281 19.75 42.58 22.22
CA LEU A 281 20.71 42.67 23.31
C LEU A 281 21.79 43.69 22.98
N ASN A 282 22.29 43.69 21.76
CA ASN A 282 23.28 44.69 21.37
C ASN A 282 22.75 46.10 21.57
N LYS A 283 21.48 46.33 21.22
CA LYS A 283 20.92 47.66 21.40
C LYS A 283 20.82 48.01 22.88
N MET A 284 20.50 47.04 23.72
CA MET A 284 20.36 47.31 25.15
C MET A 284 21.72 47.53 25.82
N VAL A 285 22.73 46.76 25.42
CA VAL A 285 24.06 46.94 26.00
C VAL A 285 24.62 48.32 25.66
N ASN A 286 24.48 48.74 24.40
CA ASN A 286 24.91 50.08 24.01
C ASN A 286 24.03 51.16 24.61
N LEU A 287 22.77 50.83 24.88
CA LEU A 287 21.90 51.79 25.55
C LEU A 287 22.24 51.92 27.03
N LYS A 288 22.55 50.79 27.68
CA LYS A 288 22.91 50.84 29.09
C LYS A 288 24.17 51.64 29.31
N GLU A 289 25.19 51.43 28.48
CA GLU A 289 26.41 52.21 28.61
C GLU A 289 26.13 53.69 28.39
N LYS A 290 25.28 54.01 27.41
CA LYS A 290 24.93 55.41 27.18
C LYS A 290 24.15 55.99 28.35
N ILE A 291 23.29 55.18 28.97
CA ILE A 291 22.55 55.62 30.15
C ILE A 291 23.51 55.85 31.32
N LYS A 292 24.35 54.85 31.61
CA LYS A 292 25.34 54.97 32.69
C LYS A 292 26.15 56.27 32.57
N GLU A 293 26.64 56.58 31.36
CA GLU A 293 27.39 57.82 31.16
C GLU A 293 26.52 59.05 31.44
N LEU A 294 25.29 59.03 30.96
CA LEU A 294 24.40 60.19 31.11
C LEU A 294 24.08 60.45 32.58
N HIS A 295 23.72 59.40 33.32
CA HIS A 295 23.47 59.53 34.75
C HIS A 295 24.64 60.20 35.47
N GLN A 296 25.87 59.80 35.15
CA GLN A 296 27.02 60.45 35.75
C GLN A 296 27.05 61.94 35.44
N GLN A 297 26.64 62.31 34.23
CA GLN A 297 26.60 63.73 33.88
C GLN A 297 25.56 64.47 34.71
N TYR A 298 24.32 63.94 34.78
CA TYR A 298 23.30 64.51 35.64
C TYR A 298 23.77 64.60 37.09
N LYS A 299 24.51 63.59 37.56
CA LYS A 299 24.99 63.61 38.94
C LYS A 299 25.95 64.79 39.16
N GLU A 300 26.86 65.02 38.21
CA GLU A 300 27.78 66.14 38.33
C GLU A 300 27.06 67.47 38.24
N ALA A 301 26.09 67.58 37.33
CA ALA A 301 25.31 68.81 37.23
C ALA A 301 24.46 69.02 38.48
N SER A 302 23.94 67.93 39.05
CA SER A 302 23.08 68.05 40.22
C SER A 302 23.86 68.44 41.47
N GLU A 303 25.19 68.34 41.43
CA GLU A 303 26.04 68.66 42.56
C GLU A 303 26.68 70.05 42.47
N VAL A 304 26.41 70.82 41.41
CA VAL A 304 26.67 72.25 41.44
C VAL A 304 25.61 72.86 42.33
N LYS A 305 25.89 72.95 43.62
CA LYS A 305 24.88 73.37 44.59
C LYS A 305 24.39 74.78 44.27
N PRO A 306 23.10 75.05 44.45
CA PRO A 306 22.55 76.37 44.20
C PRO A 306 23.06 77.37 45.21
N PRO A 307 22.87 78.69 44.97
CA PRO A 307 22.10 79.30 43.87
C PRO A 307 22.86 79.25 42.55
N ARG A 308 22.23 78.77 41.48
CA ARG A 308 22.88 78.70 40.19
C ARG A 308 22.18 79.58 39.17
N ASP A 309 22.90 79.96 38.13
CA ASP A 309 22.29 80.75 37.08
C ASP A 309 21.51 79.84 36.16
N ILE A 310 20.82 80.41 35.18
CA ILE A 310 19.74 79.64 34.59
C ILE A 310 20.26 78.60 33.60
N THR A 311 21.44 78.81 33.00
CA THR A 311 22.03 77.78 32.14
C THR A 311 22.38 76.53 32.96
N ALA A 312 22.92 76.75 34.16
CA ALA A 312 23.26 75.65 35.06
C ALA A 312 22.01 74.93 35.55
N GLU A 313 20.94 75.67 35.84
CA GLU A 313 19.67 75.03 36.14
C GLU A 313 19.13 74.29 34.93
N PHE A 314 19.30 74.86 33.74
CA PHE A 314 18.88 74.17 32.52
C PHE A 314 19.58 72.83 32.39
N LEU A 315 20.88 72.80 32.70
CA LEU A 315 21.65 71.59 32.49
C LEU A 315 21.11 70.43 33.32
N VAL A 316 20.89 70.65 34.62
CA VAL A 316 20.28 69.60 35.44
C VAL A 316 18.95 69.16 34.86
N LYS A 317 18.00 70.11 34.72
CA LYS A 317 16.69 69.77 34.18
C LYS A 317 16.81 69.11 32.79
N SER A 318 17.77 69.58 31.97
CA SER A 318 17.97 68.98 30.66
C SER A 318 18.44 67.54 30.78
N LYS A 319 19.59 67.32 31.43
CA LYS A 319 20.10 65.97 31.64
C LYS A 319 19.02 65.05 32.20
N HIS A 320 18.27 65.54 33.20
CA HIS A 320 17.19 64.75 33.79
C HIS A 320 16.21 64.29 32.73
N ARG A 321 15.82 65.20 31.84
CA ARG A 321 14.91 64.84 30.76
C ARG A 321 15.55 63.78 29.86
N ASP A 322 16.74 64.09 29.33
CA ASP A 322 17.45 63.14 28.48
C ASP A 322 17.51 61.77 29.11
N LEU A 323 17.73 61.72 30.43
CA LEU A 323 17.98 60.45 31.11
C LEU A 323 16.71 59.61 31.20
N THR A 324 15.61 60.20 31.70
CA THR A 324 14.37 59.43 31.80
C THR A 324 13.84 59.04 30.43
N ALA A 325 14.18 59.79 29.38
CA ALA A 325 13.84 59.37 28.02
C ALA A 325 14.55 58.09 27.65
N LEU A 326 15.87 58.04 27.89
CA LEU A 326 16.64 56.84 27.59
C LEU A 326 16.20 55.67 28.47
N CYS A 327 15.90 55.93 29.73
CA CYS A 327 15.36 54.85 30.57
C CYS A 327 14.01 54.36 30.07
N LYS A 328 13.22 55.24 29.47
CA LYS A 328 11.98 54.77 28.85
C LYS A 328 12.29 53.89 27.64
N GLU A 329 13.27 54.29 26.83
CA GLU A 329 13.69 53.49 25.69
C GLU A 329 14.14 52.09 26.13
N TYR A 330 14.99 52.03 27.17
CA TYR A 330 15.51 50.76 27.64
C TYR A 330 14.41 49.85 28.16
N ASP A 331 13.47 50.40 28.94
CA ASP A 331 12.38 49.59 29.47
C ASP A 331 11.55 48.97 28.37
N GLU A 332 11.33 49.72 27.27
CA GLU A 332 10.63 49.17 26.12
C GLU A 332 11.39 47.99 25.52
N LEU A 333 12.71 48.16 25.36
CA LEU A 333 13.51 47.11 24.75
C LEU A 333 13.50 45.85 25.59
N ALA A 334 13.50 45.99 26.92
CA ALA A 334 13.49 44.80 27.78
C ALA A 334 12.11 44.16 27.87
N GLU A 335 11.03 44.90 27.60
CA GLU A 335 9.74 44.23 27.43
C GLU A 335 9.68 43.49 26.10
N THR A 336 10.35 44.03 25.07
CA THR A 336 10.50 43.28 23.81
C THR A 336 11.35 42.03 24.02
N GLN A 337 12.37 42.12 24.87
CA GLN A 337 13.21 40.96 25.16
C GLN A 337 12.42 39.86 25.87
N GLY A 338 11.45 40.24 26.70
CA GLY A 338 10.65 39.22 27.36
C GLY A 338 9.86 38.39 26.37
N LYS A 339 9.19 39.05 25.42
CA LYS A 339 8.36 38.36 24.46
C LYS A 339 9.15 37.68 23.35
N LEU A 340 10.42 38.02 23.16
CA LEU A 340 11.28 37.22 22.29
C LEU A 340 11.82 35.99 23.00
N GLU A 341 12.23 36.15 24.27
CA GLU A 341 12.81 35.02 24.98
C GLU A 341 11.79 33.93 25.22
N GLU A 342 10.50 34.27 25.26
CA GLU A 342 9.50 33.23 25.47
C GLU A 342 9.09 32.57 24.16
N LYS A 343 9.15 33.29 23.04
CA LYS A 343 9.00 32.64 21.74
C LYS A 343 10.07 31.58 21.53
N LEU A 344 11.27 31.77 22.11
CA LEU A 344 12.31 30.75 22.03
C LEU A 344 12.01 29.56 22.93
N GLN A 345 11.48 29.80 24.13
CA GLN A 345 11.02 28.70 24.97
C GLN A 345 9.88 27.93 24.29
N GLU A 346 9.13 28.61 23.43
CA GLU A 346 8.07 27.97 22.67
C GLU A 346 8.64 26.98 21.65
N LEU A 347 9.53 27.46 20.78
CA LEU A 347 10.07 26.60 19.73
C LEU A 347 10.95 25.51 20.32
N GLU A 348 11.65 25.78 21.42
CA GLU A 348 12.45 24.75 22.08
C GLU A 348 11.59 23.65 22.71
N ALA A 349 10.27 23.78 22.68
CA ALA A 349 9.38 22.82 23.32
C ALA A 349 8.36 22.19 22.36
N ASN A 350 8.45 22.46 21.06
CA ASN A 350 7.62 21.77 20.07
C ASN A 350 8.48 21.26 18.92
N PRO A 351 9.55 20.53 19.20
CA PRO A 351 10.43 20.07 18.13
C PRO A 351 9.73 19.00 17.30
N PRO A 352 9.69 19.17 15.98
CA PRO A 352 8.99 18.19 15.15
C PRO A 352 9.61 16.80 15.26
N SER A 353 8.92 15.84 14.64
CA SER A 353 9.28 14.43 14.73
C SER A 353 10.76 14.21 14.46
N ASP A 354 11.35 13.32 15.25
CA ASP A 354 12.80 13.11 15.25
C ASP A 354 13.24 12.24 14.08
N VAL A 355 12.56 11.12 13.85
CA VAL A 355 12.85 10.21 12.76
C VAL A 355 11.52 9.78 12.16
N TYR A 356 11.53 9.45 10.86
CA TYR A 356 10.31 8.98 10.21
C TYR A 356 9.90 7.61 10.75
N LEU A 357 10.84 6.67 10.77
CA LEU A 357 10.62 5.34 11.34
C LEU A 357 11.90 4.89 12.03
N SER A 358 11.74 4.25 13.18
CA SER A 358 12.87 3.71 13.91
C SER A 358 13.17 2.29 13.43
N SER A 359 14.37 1.80 13.77
CA SER A 359 14.74 0.46 13.35
C SER A 359 13.76 -0.58 13.88
N ARG A 360 13.31 -0.42 15.12
CA ARG A 360 12.22 -1.26 15.63
C ARG A 360 10.96 -1.07 14.79
N ASP A 361 10.60 0.18 14.50
CA ASP A 361 9.44 0.46 13.65
C ASP A 361 9.59 -0.18 12.27
N ARG A 362 10.67 0.18 11.56
CA ARG A 362 10.91 -0.29 10.21
C ARG A 362 10.94 -1.83 10.11
N GLN A 363 11.21 -2.53 11.21
CA GLN A 363 11.14 -3.99 11.23
C GLN A 363 9.70 -4.48 11.22
N ILE A 364 8.85 -3.89 12.06
CA ILE A 364 7.43 -4.22 12.03
C ILE A 364 6.83 -3.84 10.68
N LEU A 365 7.28 -2.73 10.10
CA LEU A 365 6.89 -2.41 8.74
C LEU A 365 7.25 -3.56 7.80
N ASP A 366 8.48 -4.07 7.91
CA ASP A 366 8.89 -5.18 7.07
C ASP A 366 7.98 -6.39 7.21
N TRP A 367 7.39 -6.58 8.40
CA TRP A 367 6.47 -7.70 8.57
C TRP A 367 5.25 -7.55 7.68
N HIS A 368 4.71 -6.34 7.61
CA HIS A 368 3.53 -6.15 6.76
C HIS A 368 3.87 -6.32 5.28
N PHE A 369 5.07 -5.88 4.89
CA PHE A 369 5.57 -6.15 3.54
C PHE A 369 5.67 -7.66 3.27
N ALA A 370 6.27 -8.41 4.19
CA ALA A 370 6.30 -9.85 4.02
C ALA A 370 4.88 -10.40 3.84
N ASN A 371 3.94 -9.93 4.67
CA ASN A 371 2.55 -10.39 4.56
C ASN A 371 2.00 -10.17 3.16
N LEU A 372 2.36 -9.03 2.54
CA LEU A 372 1.96 -8.71 1.17
C LEU A 372 2.72 -9.58 0.18
N GLU A 373 4.02 -9.72 0.40
CA GLU A 373 4.80 -10.62 -0.42
C GLU A 373 4.22 -12.03 -0.38
N PHE A 374 3.64 -12.41 0.76
CA PHE A 374 3.11 -13.77 0.88
C PHE A 374 1.90 -13.97 0.01
N ALA A 375 0.88 -13.11 0.16
CA ALA A 375 -0.34 -13.38 -0.57
C ALA A 375 -0.18 -13.14 -2.05
N ASN A 376 0.85 -12.38 -2.45
CA ASN A 376 1.18 -12.23 -3.84
C ASN A 376 2.24 -13.20 -4.31
N ALA A 377 2.81 -13.97 -3.41
CA ALA A 377 3.76 -15.03 -3.74
C ALA A 377 4.89 -14.50 -4.63
N THR A 378 5.38 -13.31 -4.32
CA THR A 378 6.58 -12.85 -4.98
C THR A 378 7.20 -11.69 -4.21
N PRO A 379 8.51 -11.45 -4.34
CA PRO A 379 9.09 -10.23 -3.80
C PRO A 379 8.46 -8.98 -4.41
N LEU A 380 8.26 -7.96 -3.58
CA LEU A 380 7.63 -6.74 -4.09
C LEU A 380 8.50 -6.05 -5.15
N SER A 381 9.78 -6.38 -5.23
CA SER A 381 10.59 -5.77 -6.28
C SER A 381 10.16 -6.22 -7.67
N THR A 382 9.33 -7.27 -7.76
CA THR A 382 8.94 -7.87 -9.03
C THR A 382 7.50 -7.56 -9.45
N LEU A 383 6.66 -7.01 -8.56
CA LEU A 383 5.28 -6.70 -8.92
C LEU A 383 5.23 -5.43 -9.78
N SER A 384 4.43 -5.47 -10.84
CA SER A 384 4.22 -4.28 -11.66
C SER A 384 3.56 -3.19 -10.84
N LEU A 385 4.21 -2.04 -10.73
CA LEU A 385 3.56 -0.95 -10.00
C LEU A 385 2.22 -0.63 -10.62
N LYS A 386 2.16 -0.56 -11.96
CA LYS A 386 0.95 -0.07 -12.61
C LYS A 386 -0.20 -1.07 -12.55
N HIS A 387 0.09 -2.37 -12.52
CA HIS A 387 -0.94 -3.38 -12.76
C HIS A 387 -1.05 -4.46 -11.68
N TRP A 388 -0.25 -4.40 -10.61
CA TRP A 388 -0.23 -5.51 -9.65
C TRP A 388 -1.58 -5.73 -8.97
N ASP A 389 -2.37 -4.68 -8.74
CA ASP A 389 -3.63 -4.86 -8.01
C ASP A 389 -4.82 -4.98 -8.95
N GLN A 390 -4.59 -5.14 -10.25
CA GLN A 390 -5.68 -5.04 -11.22
C GLN A 390 -6.79 -6.07 -10.98
N ASP A 391 -6.44 -7.27 -10.54
CA ASP A 391 -7.47 -8.28 -10.24
C ASP A 391 -8.31 -7.92 -9.01
N ASP A 392 -7.98 -6.83 -8.31
CA ASP A 392 -8.67 -6.47 -7.07
C ASP A 392 -10.08 -5.98 -7.30
N ASP A 393 -10.38 -5.41 -8.48
CA ASP A 393 -11.74 -4.93 -8.74
C ASP A 393 -12.78 -6.04 -8.74
N PHE A 394 -12.37 -7.31 -8.61
CA PHE A 394 -13.30 -8.42 -8.71
C PHE A 394 -13.30 -9.27 -7.45
N GLU A 395 -12.88 -8.71 -6.32
CA GLU A 395 -12.89 -9.44 -5.04
C GLU A 395 -14.28 -9.97 -4.78
N PHE A 396 -14.36 -11.21 -4.30
CA PHE A 396 -15.66 -11.70 -3.87
C PHE A 396 -16.09 -10.97 -2.60
N THR A 397 -17.35 -11.14 -2.22
CA THR A 397 -17.78 -10.56 -0.94
C THR A 397 -17.93 -11.66 0.10
N GLY A 398 -17.85 -11.25 1.35
CA GLY A 398 -17.91 -12.16 2.46
C GLY A 398 -16.52 -12.51 2.98
N SER A 399 -16.53 -13.23 4.09
CA SER A 399 -15.30 -13.54 4.81
C SER A 399 -14.46 -14.57 4.05
N HIS A 400 -13.15 -14.35 4.06
CA HIS A 400 -12.22 -15.39 3.64
C HIS A 400 -12.37 -16.61 4.55
N LEU A 401 -12.38 -17.79 3.96
CA LEU A 401 -12.56 -19.02 4.72
C LEU A 401 -11.41 -19.97 4.45
N THR A 402 -11.20 -20.89 5.38
CA THR A 402 -10.27 -21.99 5.20
C THR A 402 -11.03 -23.30 5.09
N VAL A 403 -10.37 -24.30 4.52
CA VAL A 403 -10.97 -25.62 4.33
C VAL A 403 -10.47 -26.51 5.46
N ARG A 404 -11.34 -26.74 6.44
CA ARG A 404 -10.92 -27.42 7.66
C ARG A 404 -10.61 -28.90 7.41
N ASN A 405 -11.34 -29.54 6.51
CA ASN A 405 -11.20 -30.97 6.27
C ASN A 405 -10.28 -31.29 5.10
N GLY A 406 -9.58 -30.30 4.54
CA GLY A 406 -8.64 -30.58 3.47
C GLY A 406 -9.18 -30.31 2.08
N TYR A 407 -8.57 -29.36 1.37
CA TYR A 407 -9.04 -28.93 0.05
C TYR A 407 -8.99 -30.03 -1.01
N SER A 408 -8.29 -31.15 -0.76
CA SER A 408 -8.26 -32.25 -1.72
C SER A 408 -9.63 -32.84 -1.97
N CYS A 409 -10.58 -32.63 -1.04
CA CYS A 409 -11.92 -33.20 -1.20
C CYS A 409 -12.57 -32.75 -2.50
N VAL A 410 -12.19 -31.58 -3.01
CA VAL A 410 -12.78 -31.02 -4.22
C VAL A 410 -12.19 -31.71 -5.46
N PRO A 411 -10.90 -31.58 -5.76
CA PRO A 411 -10.39 -32.21 -6.98
C PRO A 411 -10.62 -33.71 -7.03
N VAL A 412 -10.67 -34.39 -5.89
CA VAL A 412 -10.97 -35.81 -5.91
C VAL A 412 -12.40 -36.04 -6.35
N ALA A 413 -13.34 -35.34 -5.73
CA ALA A 413 -14.75 -35.47 -6.09
C ALA A 413 -14.95 -35.14 -7.57
N LEU A 414 -14.21 -34.17 -8.09
CA LEU A 414 -14.30 -33.79 -9.49
C LEU A 414 -13.85 -34.91 -10.40
N ALA A 415 -12.89 -35.72 -9.96
CA ALA A 415 -12.32 -36.75 -10.82
C ALA A 415 -13.22 -37.98 -10.95
N GLU A 416 -14.27 -38.10 -10.13
CA GLU A 416 -15.16 -39.25 -10.18
C GLU A 416 -15.77 -39.40 -11.57
N GLY A 417 -15.55 -40.56 -12.19
CA GLY A 417 -16.12 -40.84 -13.49
C GLY A 417 -15.29 -40.41 -14.68
N LEU A 418 -14.19 -39.72 -14.48
CA LEU A 418 -13.33 -39.30 -15.57
C LEU A 418 -12.24 -40.32 -15.84
N ASP A 419 -11.78 -40.37 -17.08
CA ASP A 419 -10.69 -41.26 -17.44
C ASP A 419 -9.37 -40.52 -17.28
N ILE A 420 -8.67 -40.79 -16.18
CA ILE A 420 -7.41 -40.11 -15.85
C ILE A 420 -6.28 -41.12 -15.93
N LYS A 421 -5.20 -40.72 -16.59
CA LYS A 421 -3.98 -41.54 -16.67
C LYS A 421 -2.95 -40.85 -15.77
N LEU A 422 -2.75 -41.41 -14.57
CA LEU A 422 -1.76 -40.89 -13.65
C LEU A 422 -0.38 -41.43 -13.98
N ASN A 423 0.64 -40.72 -13.52
CA ASN A 423 2.03 -41.10 -13.78
C ASN A 423 2.32 -41.10 -15.28
N THR A 424 1.86 -40.05 -15.93
CA THR A 424 1.97 -39.94 -17.38
C THR A 424 2.43 -38.51 -17.66
N ALA A 425 3.71 -38.36 -17.90
CA ALA A 425 4.28 -37.04 -18.12
C ALA A 425 4.29 -36.78 -19.63
N VAL A 426 3.55 -35.77 -20.06
CA VAL A 426 3.59 -35.38 -21.45
C VAL A 426 4.97 -34.82 -21.79
N ARG A 427 5.51 -35.25 -22.91
CA ARG A 427 6.78 -34.73 -23.41
C ARG A 427 6.64 -33.89 -24.66
N GLN A 428 5.64 -34.17 -25.49
CA GLN A 428 5.56 -33.49 -26.77
C GLN A 428 4.11 -33.36 -27.19
N VAL A 429 3.75 -32.17 -27.66
CA VAL A 429 2.40 -31.86 -28.12
C VAL A 429 2.49 -31.50 -29.58
N ARG A 430 1.90 -32.34 -30.44
CA ARG A 430 1.93 -32.21 -31.88
C ARG A 430 0.52 -31.85 -32.39
N TYR A 431 0.40 -30.75 -33.11
CA TYR A 431 -0.91 -30.29 -33.58
C TYR A 431 -0.80 -29.92 -35.06
N THR A 432 -1.76 -30.38 -35.85
CA THR A 432 -1.73 -30.16 -37.29
C THR A 432 -3.16 -29.96 -37.78
N ALA A 433 -3.27 -29.68 -39.07
CA ALA A 433 -4.59 -29.46 -39.67
C ALA A 433 -5.52 -30.65 -39.43
N SER A 434 -4.99 -31.86 -39.49
CA SER A 434 -5.84 -33.04 -39.41
C SER A 434 -6.15 -33.50 -38.00
N GLY A 435 -5.45 -32.96 -36.97
CA GLY A 435 -5.63 -33.42 -35.61
C GLY A 435 -4.33 -33.31 -34.81
N CYS A 436 -4.32 -33.94 -33.62
CA CYS A 436 -3.21 -33.81 -32.68
C CYS A 436 -2.71 -35.15 -32.17
N GLU A 437 -1.41 -35.17 -31.86
CA GLU A 437 -0.70 -36.27 -31.20
C GLU A 437 -0.04 -35.73 -29.94
N VAL A 438 -0.34 -36.35 -28.80
CA VAL A 438 0.34 -36.08 -27.54
C VAL A 438 1.23 -37.27 -27.21
N ILE A 439 2.54 -37.02 -27.07
CA ILE A 439 3.50 -38.06 -26.68
C ILE A 439 3.80 -37.93 -25.19
N ALA A 440 3.68 -39.05 -24.46
CA ALA A 440 3.93 -39.03 -23.03
C ALA A 440 4.64 -40.32 -22.61
N VAL A 441 5.29 -40.26 -21.44
CA VAL A 441 6.05 -41.39 -20.89
C VAL A 441 5.56 -41.67 -19.47
N ASN A 442 5.85 -42.90 -19.02
CA ASN A 442 5.56 -43.29 -17.64
C ASN A 442 6.59 -42.64 -16.70
N THR A 443 6.11 -41.85 -15.73
CA THR A 443 7.04 -41.18 -14.81
C THR A 443 7.81 -42.18 -13.97
N ARG A 444 7.19 -43.32 -13.65
CA ARG A 444 7.90 -44.38 -12.93
C ARG A 444 8.94 -45.06 -13.81
N SER A 445 8.73 -45.12 -15.13
CA SER A 445 9.66 -45.81 -16.04
C SER A 445 9.67 -45.09 -17.39
N THR A 446 10.53 -44.07 -17.51
CA THR A 446 10.46 -43.18 -18.67
C THR A 446 10.76 -43.86 -20.00
N SER A 447 11.11 -45.13 -20.02
CA SER A 447 11.31 -45.79 -21.31
C SER A 447 9.98 -46.15 -21.98
N GLN A 448 8.90 -46.35 -21.20
CA GLN A 448 7.59 -46.62 -21.79
C GLN A 448 7.01 -45.36 -22.40
N THR A 449 6.69 -45.43 -23.68
CA THR A 449 6.22 -44.26 -24.44
C THR A 449 4.77 -44.47 -24.85
N PHE A 450 3.98 -43.40 -24.76
CA PHE A 450 2.55 -43.43 -25.10
C PHE A 450 2.24 -42.37 -26.15
N ILE A 451 1.48 -42.77 -27.17
CA ILE A 451 0.99 -41.87 -28.21
C ILE A 451 -0.51 -41.72 -28.01
N TYR A 452 -0.99 -40.49 -27.90
CA TYR A 452 -2.41 -40.21 -27.81
C TYR A 452 -2.81 -39.32 -28.98
N LYS A 453 -3.66 -39.86 -29.87
CA LYS A 453 -4.22 -39.10 -30.97
C LYS A 453 -5.57 -38.53 -30.55
N CYS A 454 -5.84 -37.29 -30.96
CA CYS A 454 -7.05 -36.60 -30.52
C CYS A 454 -7.42 -35.48 -31.48
N ASP A 455 -8.71 -35.11 -31.46
CA ASP A 455 -9.15 -33.93 -32.23
C ASP A 455 -8.57 -32.63 -31.68
N ALA A 456 -8.38 -32.55 -30.36
CA ALA A 456 -8.01 -31.29 -29.74
C ALA A 456 -7.27 -31.56 -28.43
N VAL A 457 -6.28 -30.72 -28.15
CA VAL A 457 -5.47 -30.79 -26.94
C VAL A 457 -5.78 -29.56 -26.11
N LEU A 458 -6.17 -29.78 -24.85
CA LEU A 458 -6.35 -28.69 -23.90
C LEU A 458 -5.21 -28.72 -22.88
N CYS A 459 -4.44 -27.63 -22.84
CA CYS A 459 -3.21 -27.53 -22.07
C CYS A 459 -3.50 -26.80 -20.76
N THR A 460 -3.31 -27.49 -19.63
CA THR A 460 -3.39 -26.79 -18.36
C THR A 460 -2.05 -26.85 -17.63
N LEU A 461 -0.97 -26.98 -18.40
CA LEU A 461 0.38 -26.95 -17.83
C LEU A 461 0.57 -25.66 -17.07
N PRO A 462 1.11 -25.73 -15.85
CA PRO A 462 1.41 -24.53 -15.07
C PRO A 462 2.31 -23.56 -15.82
N LEU A 463 2.11 -22.25 -15.53
CA LEU A 463 2.95 -21.25 -16.18
C LEU A 463 4.43 -21.47 -15.85
N GLY A 464 4.71 -21.97 -14.63
CA GLY A 464 6.06 -22.35 -14.30
C GLY A 464 6.60 -23.39 -15.25
N VAL A 465 5.77 -24.37 -15.59
CA VAL A 465 6.18 -25.46 -16.46
C VAL A 465 6.41 -24.95 -17.88
N LEU A 466 5.48 -24.15 -18.41
CA LEU A 466 5.70 -23.53 -19.72
C LEU A 466 6.96 -22.68 -19.71
N LYS A 467 7.30 -22.12 -18.55
CA LYS A 467 8.42 -21.20 -18.53
C LYS A 467 9.76 -21.90 -18.64
N GLN A 468 9.77 -23.21 -18.39
CA GLN A 468 11.00 -23.98 -18.14
C GLN A 468 11.98 -23.85 -19.31
N GLN A 469 13.27 -23.68 -18.97
CA GLN A 469 14.37 -23.76 -19.93
C GLN A 469 15.45 -24.68 -19.37
N PRO A 470 15.83 -25.74 -20.09
CA PRO A 470 15.25 -26.18 -21.37
C PRO A 470 13.86 -26.76 -21.17
N PRO A 471 13.06 -26.86 -22.24
CA PRO A 471 11.64 -27.16 -22.08
C PRO A 471 11.40 -28.55 -21.52
N ALA A 472 10.40 -28.66 -20.64
CA ALA A 472 9.93 -29.96 -20.18
C ALA A 472 8.93 -30.56 -21.15
N VAL A 473 8.31 -29.70 -21.96
CA VAL A 473 7.30 -30.10 -22.94
C VAL A 473 7.57 -29.33 -24.22
N GLN A 474 7.77 -30.06 -25.32
CA GLN A 474 8.07 -29.48 -26.61
C GLN A 474 6.81 -29.46 -27.47
N PHE A 475 6.51 -28.31 -28.08
CA PHE A 475 5.38 -28.20 -28.99
C PHE A 475 5.84 -28.32 -30.43
N VAL A 476 5.19 -29.19 -31.19
CA VAL A 476 5.53 -29.34 -32.60
C VAL A 476 4.27 -29.03 -33.41
N PRO A 477 4.20 -27.88 -34.09
CA PRO A 477 5.26 -26.87 -34.23
C PRO A 477 5.35 -25.90 -33.02
N PRO A 478 6.42 -25.11 -32.95
CA PRO A 478 6.65 -24.31 -31.74
C PRO A 478 5.57 -23.27 -31.57
N LEU A 479 5.22 -23.02 -30.30
CA LEU A 479 4.22 -22.00 -30.00
C LEU A 479 4.65 -20.68 -30.64
N PRO A 480 3.71 -19.91 -31.19
CA PRO A 480 4.08 -18.66 -31.87
C PRO A 480 4.69 -17.67 -30.90
N GLU A 481 5.46 -16.72 -31.44
CA GLU A 481 6.16 -15.77 -30.59
C GLU A 481 5.20 -15.05 -29.66
N TRP A 482 4.08 -14.55 -30.19
CA TRP A 482 3.15 -13.78 -29.35
C TRP A 482 2.71 -14.56 -28.13
N LYS A 483 2.77 -15.89 -28.18
CA LYS A 483 2.43 -16.66 -27.00
C LYS A 483 3.63 -16.83 -26.07
N THR A 484 4.77 -17.25 -26.62
CA THR A 484 5.97 -17.43 -25.79
C THR A 484 6.36 -16.12 -25.10
N SER A 485 6.29 -15.00 -25.81
CA SER A 485 6.69 -13.73 -25.23
C SER A 485 5.81 -13.34 -24.06
N ALA A 486 4.50 -13.61 -24.14
CA ALA A 486 3.68 -13.45 -22.96
C ALA A 486 4.10 -14.39 -21.86
N VAL A 487 4.50 -15.61 -22.22
CA VAL A 487 4.93 -16.56 -21.20
C VAL A 487 6.15 -16.01 -20.45
N GLN A 488 7.12 -15.47 -21.19
CA GLN A 488 8.29 -14.91 -20.51
C GLN A 488 7.90 -13.69 -19.68
N ARG A 489 7.04 -12.82 -20.22
CA ARG A 489 6.69 -11.58 -19.54
C ARG A 489 6.04 -11.82 -18.18
N MET A 490 5.06 -12.72 -18.14
CA MET A 490 4.32 -12.94 -16.89
C MET A 490 5.24 -13.43 -15.79
N GLY A 491 4.80 -13.19 -14.56
CA GLY A 491 5.50 -13.64 -13.38
C GLY A 491 4.85 -14.89 -12.82
N PHE A 492 5.68 -15.87 -12.53
CA PHE A 492 5.22 -17.04 -11.82
C PHE A 492 6.03 -17.02 -10.54
N GLY A 493 5.35 -16.99 -9.40
CA GLY A 493 5.96 -16.71 -8.12
C GLY A 493 6.06 -17.95 -7.26
N ASN A 494 6.14 -17.73 -5.95
CA ASN A 494 6.51 -18.81 -5.03
C ASN A 494 6.26 -18.45 -3.56
N LEU A 495 5.59 -19.36 -2.84
CA LEU A 495 5.47 -19.35 -1.39
C LEU A 495 5.62 -20.77 -0.86
N ASN A 496 5.89 -20.94 0.44
CA ASN A 496 6.01 -22.30 1.01
C ASN A 496 5.48 -22.36 2.44
N LYS A 497 5.13 -23.58 2.86
CA LYS A 497 4.61 -23.82 4.21
C LYS A 497 5.39 -24.92 4.93
N VAL A 498 5.41 -24.83 6.25
CA VAL A 498 5.94 -25.88 7.11
C VAL A 498 4.79 -26.37 7.99
N VAL A 499 4.40 -27.61 7.82
CA VAL A 499 3.35 -28.22 8.65
C VAL A 499 3.98 -28.75 9.93
N LEU A 500 3.48 -28.29 11.07
CA LEU A 500 3.97 -28.74 12.38
C LEU A 500 2.82 -29.41 13.12
N CYS A 501 2.90 -30.75 13.26
CA CYS A 501 1.89 -31.55 13.95
C CYS A 501 2.41 -31.91 15.34
N PHE A 502 1.78 -31.35 16.37
CA PHE A 502 2.09 -31.67 17.77
C PHE A 502 1.01 -32.58 18.34
N ASP A 503 1.20 -33.00 19.60
CA ASP A 503 0.20 -33.80 20.29
C ASP A 503 -0.65 -32.97 21.26
N ARG A 504 -0.36 -31.67 21.42
CA ARG A 504 -1.04 -30.84 22.41
C ARG A 504 -0.91 -29.38 21.98
N VAL A 505 -1.96 -28.60 22.24
CA VAL A 505 -1.99 -27.22 21.82
C VAL A 505 -1.34 -26.34 22.89
N PHE A 506 -0.25 -25.68 22.51
CA PHE A 506 0.40 -24.73 23.41
C PHE A 506 0.15 -23.28 23.03
N TRP A 507 -0.44 -23.02 21.86
CA TRP A 507 -0.69 -21.64 21.46
C TRP A 507 -2.03 -21.17 22.01
N ASP A 508 -2.39 -19.94 21.66
CA ASP A 508 -3.67 -19.40 22.08
C ASP A 508 -4.77 -19.94 21.16
N PRO A 509 -5.74 -20.70 21.70
CA PRO A 509 -6.71 -21.39 20.83
C PRO A 509 -7.70 -20.45 20.15
N SER A 510 -8.07 -19.37 20.84
CA SER A 510 -8.98 -18.32 20.36
C SER A 510 -8.31 -17.37 19.39
N VAL A 511 -7.10 -17.73 18.96
CA VAL A 511 -6.29 -16.89 18.09
C VAL A 511 -5.78 -17.76 16.95
N ASN A 512 -6.18 -17.42 15.74
CA ASN A 512 -5.81 -18.19 14.57
C ASN A 512 -4.49 -17.76 13.96
N LEU A 513 -4.07 -16.51 14.15
CA LEU A 513 -2.86 -16.02 13.50
C LEU A 513 -1.92 -15.40 14.53
N PHE A 514 -0.62 -15.59 14.33
CA PHE A 514 0.33 -14.71 14.98
C PHE A 514 1.61 -14.67 14.17
N GLY A 515 2.38 -13.62 14.40
CA GLY A 515 3.49 -13.30 13.52
C GLY A 515 4.84 -13.41 14.18
N HIS A 516 5.88 -13.53 13.36
CA HIS A 516 7.26 -13.44 13.79
C HIS A 516 7.90 -12.32 12.98
N VAL A 517 8.45 -11.33 13.68
CA VAL A 517 9.01 -10.16 13.01
C VAL A 517 10.47 -10.42 12.71
N GLY A 518 10.82 -10.38 11.43
CA GLY A 518 12.19 -10.61 11.05
C GLY A 518 13.09 -9.47 11.49
N SER A 519 14.36 -9.79 11.73
CA SER A 519 15.30 -8.81 12.24
C SER A 519 15.94 -7.96 11.15
N THR A 520 15.93 -8.44 9.90
CA THR A 520 16.46 -7.69 8.76
C THR A 520 15.44 -7.68 7.63
N THR A 521 15.50 -6.62 6.81
CA THR A 521 14.64 -6.55 5.65
C THR A 521 14.73 -7.82 4.83
N ALA A 522 15.94 -8.38 4.72
CA ALA A 522 16.16 -9.57 3.88
C ALA A 522 15.43 -10.79 4.42
N SER A 523 15.63 -11.11 5.72
CA SER A 523 14.96 -12.23 6.39
C SER A 523 13.44 -12.00 6.64
N ARG A 524 12.78 -10.97 6.09
CA ARG A 524 11.44 -10.65 6.55
C ARG A 524 10.43 -11.72 6.17
N GLY A 525 10.66 -12.46 5.10
CA GLY A 525 9.72 -13.49 4.70
C GLY A 525 9.87 -14.81 5.41
N GLU A 526 10.95 -14.95 6.19
CA GLU A 526 11.39 -16.23 6.73
C GLU A 526 10.55 -16.56 7.97
N LEU A 527 9.57 -17.45 7.80
CA LEU A 527 8.76 -17.93 8.90
C LEU A 527 8.10 -16.77 9.63
N PHE A 528 7.34 -15.99 8.86
CA PHE A 528 6.83 -14.72 9.35
C PHE A 528 5.45 -14.82 9.96
N LEU A 529 4.74 -15.91 9.72
CA LEU A 529 3.36 -16.05 10.19
C LEU A 529 3.10 -17.49 10.58
N PHE A 530 2.33 -17.68 11.65
CA PHE A 530 1.98 -19.00 12.16
C PHE A 530 0.47 -19.12 12.24
N TRP A 531 -0.07 -20.25 11.77
CA TRP A 531 -1.48 -20.35 11.46
C TRP A 531 -2.09 -21.61 12.09
N ASN A 532 -3.07 -21.40 12.95
CA ASN A 532 -3.86 -22.45 13.58
C ASN A 532 -5.20 -22.50 12.87
N LEU A 533 -5.61 -23.68 12.40
CA LEU A 533 -6.91 -23.71 11.73
C LEU A 533 -7.55 -25.09 11.68
N TYR A 534 -6.82 -26.11 12.09
CA TYR A 534 -7.31 -27.47 11.98
C TYR A 534 -7.82 -27.98 13.32
N LYS A 535 -8.52 -29.12 13.28
CA LYS A 535 -9.08 -29.71 14.50
C LYS A 535 -7.99 -30.29 15.37
N ALA A 536 -7.15 -31.15 14.79
CA ALA A 536 -6.01 -31.70 15.49
C ALA A 536 -4.93 -30.63 15.65
N PRO A 537 -4.11 -30.70 16.69
CA PRO A 537 -3.16 -29.61 16.97
C PRO A 537 -2.10 -29.43 15.90
N ILE A 538 -2.33 -28.50 14.98
CA ILE A 538 -1.44 -28.26 13.85
C ILE A 538 -1.25 -26.76 13.69
N LEU A 539 0.01 -26.34 13.66
CA LEU A 539 0.39 -24.99 13.26
C LEU A 539 1.06 -25.04 11.90
N LEU A 540 0.58 -24.25 10.95
CA LEU A 540 1.32 -24.00 9.72
C LEU A 540 2.25 -22.81 9.92
N ALA A 541 3.37 -22.82 9.20
CA ALA A 541 4.36 -21.76 9.30
C ALA A 541 4.69 -21.29 7.90
N LEU A 542 4.50 -20.01 7.64
CA LEU A 542 4.55 -19.52 6.27
C LEU A 542 5.89 -18.88 5.93
N VAL A 543 6.29 -19.03 4.66
CA VAL A 543 7.54 -18.49 4.13
C VAL A 543 7.22 -17.69 2.86
N ALA A 544 7.66 -16.43 2.82
CA ALA A 544 7.28 -15.53 1.73
C ALA A 544 8.50 -14.83 1.16
N GLY A 545 8.28 -14.15 0.03
CA GLY A 545 9.24 -13.20 -0.50
C GLY A 545 10.56 -13.81 -0.93
N GLU A 546 11.62 -13.01 -0.84
CA GLU A 546 12.95 -13.51 -1.16
C GLU A 546 13.34 -14.69 -0.29
N ALA A 547 12.72 -14.83 0.88
CA ALA A 547 12.97 -15.99 1.74
C ALA A 547 12.46 -17.28 1.10
N ALA A 548 11.37 -17.21 0.33
CA ALA A 548 10.79 -18.42 -0.27
C ALA A 548 11.85 -19.25 -1.00
N GLY A 549 12.47 -18.67 -2.02
CA GLY A 549 13.43 -19.41 -2.81
C GLY A 549 14.61 -19.93 -2.01
N ILE A 550 15.09 -19.13 -1.06
CA ILE A 550 16.30 -19.48 -0.33
C ILE A 550 16.05 -20.64 0.64
N MET A 551 14.90 -20.63 1.32
CA MET A 551 14.58 -21.71 2.25
C MET A 551 14.53 -23.08 1.58
N GLU A 552 14.34 -23.14 0.26
CA GLU A 552 14.21 -24.46 -0.35
C GLU A 552 15.52 -25.23 -0.36
N ASN A 553 16.67 -24.55 -0.48
CA ASN A 553 17.97 -25.20 -0.38
C ASN A 553 18.41 -25.33 1.08
N ILE A 554 17.48 -25.49 2.00
CA ILE A 554 17.82 -25.78 3.39
C ILE A 554 17.05 -27.03 3.81
N SER A 555 17.75 -27.92 4.51
CA SER A 555 17.20 -29.20 4.94
C SER A 555 15.96 -29.03 5.81
N ASP A 556 15.08 -30.04 5.75
CA ASP A 556 13.87 -30.06 6.58
C ASP A 556 14.20 -29.91 8.06
N ASP A 557 15.18 -30.68 8.55
CA ASP A 557 15.46 -30.67 9.99
C ASP A 557 15.91 -29.30 10.48
N VAL A 558 16.70 -28.59 9.67
CA VAL A 558 17.10 -27.24 10.04
C VAL A 558 15.89 -26.31 10.07
N ILE A 559 15.01 -26.43 9.07
CA ILE A 559 13.83 -25.57 9.01
C ILE A 559 12.96 -25.77 10.24
N VAL A 560 12.68 -27.02 10.59
CA VAL A 560 11.90 -27.28 11.80
C VAL A 560 12.66 -26.83 13.04
N GLY A 561 14.00 -26.81 12.98
CA GLY A 561 14.76 -26.16 14.04
C GLY A 561 14.44 -24.68 14.13
N ARG A 562 14.56 -23.95 13.01
CA ARG A 562 14.29 -22.52 13.04
C ARG A 562 12.88 -22.25 13.56
N CYS A 563 11.93 -23.13 13.24
CA CYS A 563 10.55 -23.00 13.69
C CYS A 563 10.44 -23.13 15.20
N LEU A 564 10.82 -24.30 15.72
CA LEU A 564 10.80 -24.51 17.17
C LEU A 564 11.57 -23.43 17.90
N ALA A 565 12.64 -22.92 17.30
CA ALA A 565 13.41 -21.85 17.92
C ALA A 565 12.57 -20.59 18.07
N ILE A 566 11.87 -20.22 17.01
CA ILE A 566 11.02 -19.04 17.06
C ILE A 566 9.90 -19.25 18.07
N LEU A 567 9.21 -20.38 17.99
CA LEU A 567 8.13 -20.70 18.91
C LEU A 567 8.60 -20.71 20.37
N LYS A 568 9.73 -21.38 20.65
CA LYS A 568 10.24 -21.41 22.02
C LYS A 568 10.54 -20.01 22.53
N GLY A 569 10.97 -19.11 21.65
CA GLY A 569 11.15 -17.72 22.05
C GLY A 569 9.85 -17.07 22.46
N ILE A 570 8.75 -17.45 21.84
CA ILE A 570 7.45 -16.83 22.11
C ILE A 570 6.76 -17.46 23.30
N PHE A 571 6.69 -18.79 23.37
CA PHE A 571 5.91 -19.47 24.38
C PHE A 571 6.75 -20.09 25.49
N GLY A 572 8.08 -20.05 25.39
CA GLY A 572 8.94 -20.65 26.39
C GLY A 572 9.46 -22.03 26.02
N SER A 573 10.74 -22.30 26.32
CA SER A 573 11.34 -23.59 25.99
C SER A 573 10.59 -24.75 26.63
N SER A 574 10.07 -24.52 27.84
CA SER A 574 9.38 -25.50 28.67
C SER A 574 8.01 -25.90 28.13
N ALA A 575 7.54 -25.32 27.01
CA ALA A 575 6.17 -25.53 26.57
C ALA A 575 6.02 -25.96 25.11
N VAL A 576 7.12 -26.08 24.37
CA VAL A 576 7.05 -26.44 22.95
C VAL A 576 7.61 -27.86 22.79
N PRO A 577 6.75 -28.88 22.64
CA PRO A 577 7.24 -30.25 22.48
C PRO A 577 7.78 -30.47 21.07
N GLN A 578 8.36 -31.65 20.87
CA GLN A 578 8.77 -31.93 19.50
C GLN A 578 7.55 -32.32 18.66
N PRO A 579 7.52 -31.90 17.40
CA PRO A 579 6.44 -32.35 16.51
C PRO A 579 6.46 -33.86 16.30
N LYS A 580 5.26 -34.45 16.27
CA LYS A 580 5.15 -35.87 15.94
C LYS A 580 5.40 -36.11 14.46
N GLU A 581 4.94 -35.20 13.61
CA GLU A 581 5.09 -35.29 12.17
C GLU A 581 5.26 -33.89 11.60
N THR A 582 6.12 -33.77 10.58
CA THR A 582 6.38 -32.51 9.91
C THR A 582 6.42 -32.72 8.41
N VAL A 583 6.13 -31.66 7.66
CA VAL A 583 6.19 -31.62 6.20
C VAL A 583 6.65 -30.23 5.80
N VAL A 584 7.55 -30.14 4.80
CA VAL A 584 7.94 -28.84 4.26
C VAL A 584 7.71 -28.82 2.77
N SER A 585 6.83 -27.93 2.32
CA SER A 585 6.65 -27.70 0.90
C SER A 585 7.91 -27.04 0.31
N ARG A 586 8.18 -27.38 -0.97
CA ARG A 586 9.23 -26.78 -1.80
C ARG A 586 8.64 -26.67 -3.21
N TRP A 587 7.78 -25.66 -3.40
CA TRP A 587 6.97 -25.58 -4.61
C TRP A 587 7.77 -25.17 -5.83
N ARG A 588 8.80 -24.35 -5.66
CA ARG A 588 9.57 -23.94 -6.84
C ARG A 588 10.33 -25.12 -7.42
N ALA A 589 10.76 -26.04 -6.56
CA ALA A 589 11.50 -27.18 -7.02
C ALA A 589 10.61 -28.30 -7.52
N ASP A 590 9.32 -28.27 -7.18
CA ASP A 590 8.39 -29.27 -7.69
C ASP A 590 8.35 -29.18 -9.22
N PRO A 591 8.84 -30.21 -9.89
CA PRO A 591 8.96 -30.13 -11.36
C PRO A 591 7.64 -30.05 -12.11
N TRP A 592 6.51 -30.40 -11.49
CA TRP A 592 5.19 -30.26 -12.09
C TRP A 592 4.51 -28.95 -11.72
N ALA A 593 5.26 -28.01 -11.15
CA ALA A 593 4.74 -26.73 -10.74
C ALA A 593 5.72 -25.62 -11.11
N ARG A 594 6.97 -25.75 -10.64
CA ARG A 594 8.02 -24.78 -10.94
C ARG A 594 7.70 -23.42 -10.32
N GLY A 595 7.01 -23.46 -9.18
CA GLY A 595 6.57 -22.27 -8.49
C GLY A 595 5.16 -22.41 -7.98
N SER A 596 4.61 -21.33 -7.41
CA SER A 596 3.31 -21.39 -6.73
C SER A 596 2.14 -20.90 -7.59
N TYR A 597 2.05 -19.59 -7.85
CA TYR A 597 1.05 -19.09 -8.79
C TYR A 597 1.57 -17.84 -9.47
N SER A 598 0.85 -17.42 -10.49
CA SER A 598 1.25 -16.29 -11.30
C SER A 598 1.08 -14.97 -10.53
N TYR A 599 1.76 -13.93 -11.02
CA TYR A 599 1.70 -12.59 -10.44
C TYR A 599 1.96 -11.60 -11.57
N VAL A 600 1.30 -10.44 -11.53
CA VAL A 600 1.49 -9.51 -12.65
C VAL A 600 2.89 -8.90 -12.49
N ALA A 601 3.85 -9.49 -13.18
CA ALA A 601 5.21 -8.99 -13.15
C ALA A 601 5.29 -7.57 -13.71
N ALA A 602 6.25 -6.80 -13.20
CA ALA A 602 6.61 -5.54 -13.85
C ALA A 602 6.95 -5.81 -15.31
N GLY A 603 6.60 -4.86 -16.17
CA GLY A 603 6.74 -5.05 -17.60
C GLY A 603 5.63 -5.86 -18.24
N SER A 604 4.68 -6.36 -17.46
CA SER A 604 3.55 -7.16 -17.94
C SER A 604 2.25 -6.42 -17.62
N SER A 605 1.14 -7.12 -17.86
CA SER A 605 -0.19 -6.56 -17.70
C SER A 605 -1.20 -7.70 -17.75
N GLY A 606 -2.47 -7.34 -17.54
CA GLY A 606 -3.49 -8.36 -17.59
C GLY A 606 -3.82 -8.81 -18.98
N ASN A 607 -3.47 -8.00 -19.99
CA ASN A 607 -3.61 -8.45 -21.36
C ASN A 607 -2.79 -9.72 -21.60
N ASP A 608 -1.63 -9.83 -20.97
CA ASP A 608 -0.85 -11.04 -21.12
C ASP A 608 -1.64 -12.28 -20.67
N TYR A 609 -2.42 -12.14 -19.61
CA TYR A 609 -3.25 -13.27 -19.18
C TYR A 609 -4.23 -13.70 -20.28
N ASP A 610 -4.71 -12.75 -21.07
CA ASP A 610 -5.59 -13.08 -22.19
C ASP A 610 -4.86 -13.82 -23.29
N LEU A 611 -3.73 -13.26 -23.75
CA LEU A 611 -2.88 -13.97 -24.70
C LEU A 611 -2.73 -15.45 -24.33
N MET A 612 -2.39 -15.74 -23.07
CA MET A 612 -2.29 -17.14 -22.64
C MET A 612 -3.55 -17.93 -22.99
N ALA A 613 -4.73 -17.35 -22.80
CA ALA A 613 -5.91 -18.16 -23.09
C ALA A 613 -6.22 -18.28 -24.59
N GLN A 614 -5.54 -17.50 -25.47
CA GLN A 614 -5.85 -17.61 -26.89
C GLN A 614 -5.48 -18.98 -27.42
N PRO A 615 -6.42 -19.74 -28.00
CA PRO A 615 -6.08 -21.03 -28.61
C PRO A 615 -5.20 -20.84 -29.82
N ILE A 616 -4.45 -21.92 -30.17
CA ILE A 616 -3.53 -21.96 -31.30
C ILE A 616 -4.13 -22.70 -32.49
N THR A 617 -4.03 -22.12 -33.68
CA THR A 617 -4.56 -22.75 -34.88
C THR A 617 -3.41 -23.15 -35.81
N PRO A 618 -3.22 -24.44 -36.09
CA PRO A 618 -2.21 -24.86 -37.08
C PRO A 618 -2.47 -24.33 -38.47
N GLY A 619 -1.40 -24.28 -39.28
CA GLY A 619 -1.54 -23.95 -40.69
C GLY A 619 -1.94 -25.13 -41.54
N PRO A 620 -2.43 -24.85 -42.76
CA PRO A 620 -2.97 -25.94 -43.60
C PRO A 620 -1.91 -26.99 -43.93
N SER A 621 -2.33 -28.25 -43.86
CA SER A 621 -1.45 -29.34 -44.28
C SER A 621 -1.06 -29.11 -45.74
N ILE A 622 -2.01 -29.29 -46.64
CA ILE A 622 -1.86 -28.99 -48.06
C ILE A 622 -1.92 -27.48 -48.27
N PRO A 623 -1.03 -26.91 -49.08
CA PRO A 623 -1.10 -25.47 -49.35
C PRO A 623 -2.24 -25.11 -50.30
N GLY A 624 -2.79 -23.92 -50.06
CA GLY A 624 -4.03 -23.51 -50.69
C GLY A 624 -5.26 -24.11 -50.06
N ALA A 625 -5.13 -24.70 -48.87
CA ALA A 625 -6.32 -25.32 -48.34
C ALA A 625 -7.00 -24.40 -47.33
N PRO A 626 -8.32 -24.52 -47.21
CA PRO A 626 -9.06 -23.65 -46.29
C PRO A 626 -8.43 -23.59 -44.91
N GLN A 627 -8.67 -22.46 -44.27
CA GLN A 627 -8.33 -22.12 -42.90
C GLN A 627 -8.65 -23.27 -41.95
N PRO A 628 -7.64 -23.93 -41.37
CA PRO A 628 -7.93 -24.93 -40.32
C PRO A 628 -8.63 -24.29 -39.14
N ILE A 629 -9.19 -25.16 -38.31
CA ILE A 629 -9.83 -24.78 -37.07
C ILE A 629 -8.77 -24.78 -35.97
N PRO A 630 -8.99 -24.17 -34.82
CA PRO A 630 -7.99 -24.25 -33.75
C PRO A 630 -7.89 -25.67 -33.21
N ARG A 631 -6.68 -26.05 -32.78
CA ARG A 631 -6.42 -27.39 -32.28
C ARG A 631 -5.88 -27.44 -30.86
N LEU A 632 -5.16 -26.40 -30.43
CA LEU A 632 -4.46 -26.39 -29.15
C LEU A 632 -5.05 -25.28 -28.28
N PHE A 633 -5.55 -25.67 -27.09
CA PHE A 633 -6.32 -24.85 -26.16
C PHE A 633 -5.61 -24.75 -24.82
N PHE A 634 -5.92 -23.70 -24.05
CA PHE A 634 -5.17 -23.39 -22.82
C PHE A 634 -6.08 -22.94 -21.70
N ALA A 635 -6.00 -23.62 -20.55
CA ALA A 635 -6.69 -23.19 -19.34
C ALA A 635 -5.68 -23.17 -18.20
N GLY A 636 -6.19 -22.87 -17.00
CA GLY A 636 -5.34 -22.74 -15.83
C GLY A 636 -5.31 -21.31 -15.31
N GLU A 637 -4.95 -21.18 -14.02
CA GLU A 637 -5.04 -19.90 -13.33
C GLU A 637 -4.27 -18.81 -14.04
N HIS A 638 -3.23 -19.14 -14.79
CA HIS A 638 -2.53 -18.10 -15.53
C HIS A 638 -3.27 -17.68 -16.80
N THR A 639 -4.49 -18.19 -17.05
CA THR A 639 -5.21 -17.87 -18.28
C THR A 639 -6.45 -17.02 -18.07
N ILE A 640 -6.69 -16.51 -16.86
CA ILE A 640 -7.95 -15.86 -16.52
C ILE A 640 -7.67 -14.49 -15.87
N ARG A 641 -7.72 -13.45 -16.71
CA ARG A 641 -7.38 -12.06 -16.36
C ARG A 641 -7.93 -11.63 -15.01
N ASN A 642 -9.22 -11.78 -14.79
CA ASN A 642 -9.83 -11.22 -13.60
C ASN A 642 -9.75 -12.10 -12.37
N TYR A 643 -9.25 -13.31 -12.48
CA TYR A 643 -9.22 -14.16 -11.31
C TYR A 643 -7.99 -15.05 -11.32
N PRO A 644 -6.80 -14.52 -11.54
CA PRO A 644 -5.62 -15.39 -11.59
C PRO A 644 -5.30 -15.96 -10.22
N ALA A 645 -4.40 -16.92 -10.25
CA ALA A 645 -3.70 -17.37 -9.04
C ALA A 645 -4.68 -17.83 -7.96
N THR A 646 -5.79 -18.44 -8.36
CA THR A 646 -6.74 -19.00 -7.42
C THR A 646 -7.26 -20.33 -7.94
N VAL A 647 -7.90 -21.08 -7.05
CA VAL A 647 -8.68 -22.22 -7.49
C VAL A 647 -9.87 -21.77 -8.31
N HIS A 648 -10.63 -20.79 -7.82
CA HIS A 648 -11.83 -20.39 -8.56
C HIS A 648 -11.47 -19.90 -9.95
N GLY A 649 -10.39 -19.14 -10.08
CA GLY A 649 -9.93 -18.73 -11.40
C GLY A 649 -9.60 -19.91 -12.29
N ALA A 650 -8.95 -20.94 -11.74
CA ALA A 650 -8.68 -22.14 -12.51
C ALA A 650 -9.99 -22.80 -12.95
N LEU A 651 -10.89 -23.05 -12.00
CA LEU A 651 -12.18 -23.65 -12.30
C LEU A 651 -12.88 -22.91 -13.42
N LEU A 652 -12.98 -21.58 -13.30
CA LEU A 652 -13.61 -20.80 -14.35
C LEU A 652 -12.90 -21.03 -15.68
N SER A 653 -11.56 -20.99 -15.66
CA SER A 653 -10.82 -21.12 -16.91
C SER A 653 -11.12 -22.44 -17.59
N GLY A 654 -11.20 -23.53 -16.81
CA GLY A 654 -11.59 -24.81 -17.38
C GLY A 654 -13.00 -24.80 -17.95
N LEU A 655 -13.95 -24.26 -17.18
CA LEU A 655 -15.31 -24.10 -17.66
C LEU A 655 -15.32 -23.39 -19.01
N ARG A 656 -14.57 -22.30 -19.11
CA ARG A 656 -14.42 -21.52 -20.33
C ARG A 656 -14.02 -22.41 -21.49
N GLU A 657 -12.79 -22.96 -21.42
CA GLU A 657 -12.27 -23.72 -22.54
C GLU A 657 -13.21 -24.84 -22.95
N ALA A 658 -13.78 -25.56 -21.96
CA ALA A 658 -14.74 -26.61 -22.31
C ALA A 658 -15.86 -26.04 -23.19
N GLY A 659 -16.40 -24.89 -22.81
CA GLY A 659 -17.40 -24.27 -23.66
C GLY A 659 -16.87 -23.96 -25.04
N ARG A 660 -15.64 -23.44 -25.11
CA ARG A 660 -15.04 -23.01 -26.37
C ARG A 660 -14.77 -24.20 -27.29
N ILE A 661 -14.23 -25.28 -26.71
CA ILE A 661 -13.95 -26.50 -27.47
C ILE A 661 -15.26 -27.12 -27.98
N ALA A 662 -16.27 -27.18 -27.12
CA ALA A 662 -17.55 -27.76 -27.55
C ALA A 662 -18.17 -26.94 -28.68
N ASP A 663 -18.13 -25.62 -28.56
CA ASP A 663 -18.61 -24.77 -29.65
C ASP A 663 -17.89 -25.08 -30.96
N GLN A 664 -16.61 -25.47 -30.87
CA GLN A 664 -15.83 -25.75 -32.07
C GLN A 664 -16.22 -27.09 -32.68
N PHE A 665 -16.24 -28.13 -31.86
CA PHE A 665 -16.32 -29.50 -32.36
C PHE A 665 -17.70 -30.10 -32.31
N LEU A 666 -18.63 -29.50 -31.56
CA LEU A 666 -20.01 -29.94 -31.61
C LEU A 666 -20.94 -28.94 -32.28
N GLY A 667 -20.49 -27.69 -32.45
CA GLY A 667 -21.34 -26.61 -32.93
C GLY A 667 -22.19 -26.03 -31.82
N ALA A 668 -22.43 -24.72 -31.86
CA ALA A 668 -23.10 -24.02 -30.75
C ALA A 668 -24.63 -24.15 -30.75
N LYS B 9 -4.20 15.05 -4.29
CA LYS B 9 -4.87 13.89 -3.73
C LYS B 9 -3.93 12.78 -3.11
N PRO B 10 -2.81 13.14 -2.47
CA PRO B 10 -2.04 12.11 -1.73
C PRO B 10 -2.70 11.80 -0.41
N PRO B 11 -2.35 10.68 0.24
CA PRO B 11 -2.95 10.40 1.54
C PRO B 11 -2.44 11.42 2.54
N LYS B 12 -3.16 11.57 3.64
CA LYS B 12 -2.79 12.59 4.62
C LYS B 12 -1.44 12.24 5.25
N GLY B 13 -0.61 13.27 5.44
CA GLY B 13 0.73 13.09 5.97
C GLY B 13 1.73 12.42 5.06
N MET B 14 1.31 11.95 3.89
CA MET B 14 2.26 11.61 2.83
C MET B 14 2.66 12.88 2.08
N PHE B 15 3.88 12.89 1.57
CA PHE B 15 4.45 14.12 0.98
C PHE B 15 5.17 13.77 -0.32
N LEU B 16 4.54 14.08 -1.45
CA LEU B 16 4.91 13.52 -2.76
C LEU B 16 4.74 14.59 -3.83
N SER B 17 5.72 15.49 -3.92
CA SER B 17 5.70 16.47 -4.99
C SER B 17 6.33 15.89 -6.24
N GLN B 18 5.77 16.24 -7.40
CA GLN B 18 6.39 15.86 -8.67
C GLN B 18 7.86 16.27 -8.70
N GLU B 19 8.18 17.43 -8.11
CA GLU B 19 9.54 17.92 -8.05
C GLU B 19 10.44 16.99 -7.23
N ASP B 20 9.99 16.62 -6.02
CA ASP B 20 10.83 15.81 -5.13
C ASP B 20 11.03 14.41 -5.68
N VAL B 21 10.01 13.83 -6.32
CA VAL B 21 10.14 12.50 -6.91
C VAL B 21 11.25 12.48 -7.94
N GLU B 22 11.22 13.41 -8.90
CA GLU B 22 12.28 13.48 -9.91
C GLU B 22 13.64 13.72 -9.28
N ALA B 23 13.68 14.49 -8.19
CA ALA B 23 14.94 14.81 -7.52
C ALA B 23 15.54 13.62 -6.78
N VAL B 24 14.71 12.66 -6.39
CA VAL B 24 15.20 11.47 -5.70
C VAL B 24 15.50 10.33 -6.68
N SER B 25 14.82 10.28 -7.82
CA SER B 25 14.95 9.17 -8.75
C SER B 25 15.89 9.47 -9.92
N ALA B 26 16.34 10.72 -10.07
CA ALA B 26 17.11 11.10 -11.25
C ALA B 26 18.42 10.33 -11.38
N ASN B 27 18.90 9.75 -10.29
CA ASN B 27 20.24 9.19 -10.25
C ASN B 27 20.23 7.97 -9.33
N ALA B 28 21.17 7.05 -9.59
CA ALA B 28 21.22 5.81 -8.84
C ALA B 28 21.46 6.06 -7.36
N THR B 29 22.34 7.02 -7.05
CA THR B 29 22.73 7.35 -5.69
C THR B 29 22.12 8.68 -5.22
N ALA B 30 21.02 9.12 -5.86
CA ALA B 30 20.52 10.46 -5.65
C ALA B 30 19.81 10.62 -4.31
N ALA B 31 19.03 9.63 -3.88
CA ALA B 31 18.23 9.79 -2.66
C ALA B 31 19.13 9.87 -1.44
N THR B 32 20.14 9.01 -1.35
CA THR B 32 21.08 9.10 -0.24
C THR B 32 21.83 10.43 -0.28
N THR B 33 22.08 10.96 -1.49
CA THR B 33 22.73 12.25 -1.61
C THR B 33 21.80 13.38 -1.19
N VAL B 34 20.54 13.29 -1.56
CA VAL B 34 19.56 14.28 -1.09
C VAL B 34 19.45 14.25 0.42
N LEU B 35 19.33 13.06 1.01
CA LEU B 35 19.10 12.93 2.45
C LEU B 35 20.34 13.23 3.27
N ARG B 36 21.52 12.76 2.84
CA ARG B 36 22.74 13.09 3.58
C ARG B 36 23.05 14.58 3.47
N GLN B 37 22.71 15.20 2.34
CA GLN B 37 22.84 16.65 2.18
C GLN B 37 21.99 17.42 3.19
N LEU B 38 20.73 17.02 3.35
CA LEU B 38 19.91 17.68 4.36
C LEU B 38 20.50 17.48 5.75
N ASP B 39 21.02 16.28 6.02
CA ASP B 39 21.69 16.02 7.30
C ASP B 39 22.78 17.05 7.57
N MET B 40 23.70 17.21 6.61
CA MET B 40 24.82 18.13 6.76
C MET B 40 24.38 19.60 6.68
N GLU B 41 23.13 19.87 6.34
CA GLU B 41 22.58 21.22 6.41
C GLU B 41 21.94 21.48 7.77
N LEU B 42 21.36 20.45 8.36
CA LEU B 42 20.81 20.57 9.71
C LEU B 42 21.91 20.63 10.75
N VAL B 43 23.04 19.94 10.52
CA VAL B 43 24.13 19.99 11.49
C VAL B 43 24.73 21.40 11.54
N SER B 44 24.84 22.07 10.38
CA SER B 44 25.44 23.40 10.38
C SER B 44 24.50 24.44 10.97
N VAL B 45 23.18 24.24 10.83
CA VAL B 45 22.23 25.17 11.44
C VAL B 45 22.26 25.02 12.95
N LYS B 46 22.42 23.79 13.45
CA LYS B 46 22.41 23.59 14.90
C LYS B 46 23.62 24.24 15.56
N ARG B 47 24.80 24.18 14.91
CA ARG B 47 25.94 24.88 15.50
C ARG B 47 25.84 26.39 15.33
N GLN B 48 25.11 26.87 14.32
CA GLN B 48 24.85 28.30 14.25
C GLN B 48 23.99 28.73 15.43
N ILE B 49 23.05 27.89 15.85
CA ILE B 49 22.26 28.18 17.04
C ILE B 49 23.18 28.28 18.26
N GLN B 50 23.97 27.23 18.50
CA GLN B 50 24.91 27.21 19.62
C GLN B 50 25.77 28.46 19.68
N ASN B 51 26.28 28.89 18.53
CA ASN B 51 27.12 30.08 18.48
C ASN B 51 26.34 31.31 18.93
N ILE B 52 25.09 31.44 18.51
CA ILE B 52 24.31 32.62 18.87
C ILE B 52 23.88 32.54 20.33
N LYS B 53 23.47 31.35 20.80
CA LYS B 53 23.14 31.20 22.21
C LYS B 53 24.27 31.66 23.12
N GLN B 54 25.52 31.32 22.77
CA GLN B 54 26.64 31.72 23.61
C GLN B 54 27.00 33.19 23.42
N THR B 55 26.89 33.72 22.21
CA THR B 55 27.05 35.16 22.03
C THR B 55 25.99 35.92 22.81
N ASN B 56 24.74 35.44 22.78
CA ASN B 56 23.68 36.07 23.54
C ASN B 56 23.91 35.93 25.04
N SER B 57 24.21 34.70 25.49
CA SER B 57 24.49 34.48 26.91
C SER B 57 25.58 35.43 27.44
N ALA B 58 26.51 35.86 26.58
CA ALA B 58 27.52 36.81 26.99
C ALA B 58 26.96 38.22 27.08
N LEU B 59 26.03 38.57 26.19
CA LEU B 59 25.41 39.88 26.29
C LEU B 59 24.51 40.00 27.52
N LYS B 60 23.72 38.97 27.81
CA LYS B 60 22.87 39.02 29.00
C LYS B 60 23.69 39.24 30.27
N GLU B 61 24.90 38.70 30.32
CA GLU B 61 25.72 38.90 31.52
C GLU B 61 26.17 40.34 31.67
N LYS B 62 26.28 41.09 30.57
CA LYS B 62 26.59 42.51 30.66
C LYS B 62 25.42 43.33 31.18
N LEU B 63 24.19 42.90 30.90
CA LEU B 63 23.00 43.60 31.38
C LEU B 63 22.67 43.25 32.83
N ASP B 64 23.43 42.37 33.47
CA ASP B 64 23.18 42.09 34.86
C ASP B 64 23.42 43.33 35.69
N GLY B 65 22.36 43.79 36.35
CA GLY B 65 22.33 45.08 37.02
C GLY B 65 21.21 45.97 36.54
N GLY B 66 20.49 45.57 35.50
CA GLY B 66 19.48 46.37 34.84
C GLY B 66 19.99 47.76 34.57
N ILE B 67 19.07 48.73 34.65
CA ILE B 67 19.50 50.11 34.73
C ILE B 67 19.13 50.73 36.07
N GLU B 68 18.78 49.89 37.05
CA GLU B 68 18.23 50.37 38.30
C GLU B 68 19.15 51.32 39.07
N PRO B 69 20.48 51.18 39.05
CA PRO B 69 21.32 52.23 39.66
C PRO B 69 21.19 53.58 38.98
N TYR B 70 20.44 53.66 37.89
CA TYR B 70 20.44 54.85 37.05
C TYR B 70 19.07 55.49 36.89
N ARG B 71 18.00 54.86 37.34
CA ARG B 71 16.68 55.45 37.20
C ARG B 71 16.48 56.55 38.24
N LEU B 72 16.01 57.71 37.79
CA LEU B 72 15.72 58.75 38.77
C LEU B 72 14.29 58.59 39.29
N PRO B 73 14.01 59.09 40.50
CA PRO B 73 12.63 59.08 40.98
C PRO B 73 11.77 60.06 40.18
N GLU B 74 10.50 59.67 39.97
CA GLU B 74 9.60 60.38 39.07
C GLU B 74 8.88 61.47 39.84
N VAL B 75 9.40 62.69 39.76
CA VAL B 75 8.73 63.82 40.41
C VAL B 75 7.53 64.24 39.57
N ILE B 76 6.38 64.40 40.23
CA ILE B 76 5.19 64.98 39.61
C ILE B 76 5.12 66.44 40.02
N GLN B 77 4.72 67.28 39.08
CA GLN B 77 4.64 68.73 39.29
C GLN B 77 3.28 69.20 38.80
N LYS B 78 2.47 69.74 39.72
CA LYS B 78 1.15 70.23 39.37
C LYS B 78 1.29 71.35 38.34
N CYS B 79 0.75 71.12 37.15
CA CYS B 79 0.93 72.06 36.04
C CYS B 79 0.37 73.43 36.41
N ASN B 80 1.16 74.47 36.13
CA ASN B 80 0.78 75.86 36.39
C ASN B 80 0.82 76.65 35.09
N ALA B 81 -0.09 77.61 34.95
CA ALA B 81 -0.23 78.38 33.71
C ALA B 81 0.58 79.67 33.72
N ARG B 82 1.16 80.06 34.86
CA ARG B 82 1.94 81.29 34.98
C ARG B 82 3.39 81.04 34.58
N TRP B 83 3.86 81.80 33.59
CA TRP B 83 5.23 81.67 33.08
C TRP B 83 6.16 82.60 33.85
N THR B 84 7.03 82.01 34.66
CA THR B 84 8.07 82.75 35.37
C THR B 84 9.20 83.16 34.44
N THR B 85 9.83 84.28 34.76
CA THR B 85 11.09 84.65 34.11
C THR B 85 12.08 83.50 34.12
N GLU B 86 12.13 82.75 35.23
CA GLU B 86 12.93 81.53 35.26
C GLU B 86 12.45 80.53 34.21
N GLU B 87 11.15 80.23 34.22
CA GLU B 87 10.61 79.22 33.32
C GLU B 87 10.68 79.66 31.87
N GLN B 88 10.54 80.97 31.62
CA GLN B 88 10.76 81.48 30.27
C GLN B 88 12.17 81.16 29.79
N LEU B 89 13.17 81.44 30.63
CA LEU B 89 14.57 81.25 30.23
C LEU B 89 14.86 79.78 29.97
N LEU B 90 14.25 78.89 30.74
CA LEU B 90 14.37 77.47 30.43
C LEU B 90 13.81 77.16 29.05
N ALA B 91 12.67 77.77 28.71
CA ALA B 91 12.02 77.48 27.44
C ALA B 91 12.92 77.83 26.25
N VAL B 92 13.56 79.00 26.28
CA VAL B 92 14.48 79.36 25.20
C VAL B 92 15.58 78.30 25.08
N GLN B 93 16.29 78.03 26.17
CA GLN B 93 17.35 77.04 26.13
C GLN B 93 16.84 75.69 25.66
N ALA B 94 15.58 75.35 25.99
CA ALA B 94 15.00 74.10 25.54
C ALA B 94 14.74 74.13 24.04
N ILE B 95 14.29 75.27 23.53
CA ILE B 95 14.15 75.43 22.08
C ILE B 95 15.51 75.38 21.42
N ARG B 96 16.51 76.00 22.03
CA ARG B 96 17.87 75.95 21.51
C ARG B 96 18.37 74.53 21.34
N LYS B 97 18.04 73.65 22.30
CA LYS B 97 18.58 72.30 22.33
C LYS B 97 17.70 71.27 21.62
N TYR B 98 16.39 71.41 21.72
CA TYR B 98 15.49 70.34 21.32
C TYR B 98 14.67 70.63 20.07
N GLY B 99 14.64 71.89 19.60
CA GLY B 99 13.90 72.20 18.37
C GLY B 99 12.41 72.25 18.62
N ARG B 100 11.65 71.70 17.68
CA ARG B 100 10.20 71.67 17.73
C ARG B 100 9.63 70.63 18.70
N ASP B 101 10.45 70.07 19.59
CA ASP B 101 10.01 68.95 20.43
C ASP B 101 9.20 69.51 21.60
N PHE B 102 7.88 69.58 21.40
CA PHE B 102 7.02 70.17 22.43
C PHE B 102 6.94 69.30 23.66
N GLN B 103 7.02 67.98 23.50
CA GLN B 103 6.98 67.10 24.65
C GLN B 103 8.24 67.25 25.51
N ALA B 104 9.41 67.16 24.88
CA ALA B 104 10.66 67.31 25.62
C ALA B 104 10.70 68.65 26.37
N ILE B 105 10.28 69.73 25.72
CA ILE B 105 10.34 71.04 26.37
C ILE B 105 9.40 71.08 27.57
N SER B 106 8.19 70.55 27.40
CA SER B 106 7.27 70.42 28.54
C SER B 106 7.90 69.63 29.68
N ASP B 107 8.71 68.62 29.34
CA ASP B 107 9.36 67.81 30.37
C ASP B 107 10.44 68.60 31.09
N VAL B 108 11.25 69.34 30.33
CA VAL B 108 12.37 70.07 30.93
C VAL B 108 11.87 71.15 31.88
N ILE B 109 10.84 71.88 31.47
CA ILE B 109 10.32 72.93 32.34
C ILE B 109 9.62 72.32 33.55
N GLY B 110 8.86 71.25 33.34
CA GLY B 110 8.29 70.48 34.42
C GLY B 110 6.86 70.80 34.78
N ASN B 111 6.41 72.03 34.54
CA ASN B 111 5.06 72.44 34.92
C ASN B 111 4.37 73.21 33.81
N LYS B 112 4.58 72.83 32.56
CA LYS B 112 3.90 73.46 31.43
C LYS B 112 3.43 72.38 30.48
N SER B 113 2.13 72.35 30.22
CA SER B 113 1.59 71.35 29.31
C SER B 113 2.13 71.57 27.89
N VAL B 114 1.99 70.54 27.07
CA VAL B 114 2.46 70.62 25.69
C VAL B 114 1.80 71.77 24.95
N VAL B 115 0.52 72.01 25.23
CA VAL B 115 -0.22 73.10 24.59
C VAL B 115 0.39 74.44 24.98
N GLN B 116 0.52 74.68 26.29
CA GLN B 116 1.09 75.94 26.77
C GLN B 116 2.41 76.23 26.08
N VAL B 117 3.22 75.20 25.86
CA VAL B 117 4.52 75.38 25.22
C VAL B 117 4.37 75.82 23.78
N LYS B 118 3.53 75.12 23.00
CA LYS B 118 3.26 75.56 21.63
C LYS B 118 2.68 76.97 21.60
N ASN B 119 1.84 77.29 22.58
CA ASN B 119 1.36 78.66 22.73
C ASN B 119 2.53 79.61 23.00
N PHE B 120 3.39 79.24 23.95
CA PHE B 120 4.60 80.01 24.22
C PHE B 120 5.37 80.32 22.94
N PHE B 121 5.38 79.37 21.99
CA PHE B 121 6.14 79.55 20.75
C PHE B 121 5.71 80.81 20.01
N VAL B 122 4.43 80.89 19.62
CA VAL B 122 3.99 82.05 18.86
C VAL B 122 3.92 83.29 19.75
N ASN B 123 3.51 83.11 21.01
CA ASN B 123 3.38 84.26 21.92
C ASN B 123 4.71 85.00 22.04
N TYR B 124 5.77 84.28 22.39
CA TYR B 124 7.06 84.92 22.56
C TYR B 124 7.93 84.79 21.31
N ARG B 125 7.32 84.50 20.17
CA ARG B 125 8.07 84.33 18.94
C ARG B 125 8.88 85.57 18.60
N ARG B 126 8.26 86.74 18.71
CA ARG B 126 8.91 87.97 18.26
C ARG B 126 10.04 88.39 19.18
N ARG B 127 9.89 88.17 20.49
CA ARG B 127 10.70 88.80 21.52
C ARG B 127 11.98 88.05 21.83
N PHE B 128 11.95 86.72 21.81
CA PHE B 128 13.11 85.90 22.11
C PHE B 128 13.87 85.46 20.86
N ASN B 129 13.60 86.09 19.71
CA ASN B 129 14.17 85.68 18.43
C ASN B 129 14.03 84.16 18.25
N ILE B 130 12.81 83.66 18.47
CA ILE B 130 12.59 82.22 18.46
C ILE B 130 12.80 81.65 17.05
N ASP B 131 12.66 82.49 16.02
CA ASP B 131 13.08 82.08 14.69
C ASP B 131 14.59 81.88 14.63
N GLU B 132 15.36 82.86 15.13
CA GLU B 132 16.82 82.74 15.14
C GLU B 132 17.28 81.55 15.97
N VAL B 133 16.62 81.29 17.10
CA VAL B 133 17.02 80.18 17.96
C VAL B 133 16.81 78.84 17.25
N LEU B 134 15.69 78.70 16.53
CA LEU B 134 15.45 77.47 15.80
C LEU B 134 16.45 77.29 14.67
N GLN B 135 16.95 78.39 14.10
CA GLN B 135 18.03 78.29 13.12
C GLN B 135 19.29 77.70 13.75
N GLU B 136 19.63 78.15 14.96
CA GLU B 136 20.85 77.70 15.63
C GLU B 136 20.78 76.23 16.01
N TRP B 137 19.58 75.69 16.24
CA TRP B 137 19.44 74.27 16.57
C TRP B 137 19.87 73.38 15.41
N GLU B 138 19.72 73.86 14.17
CA GLU B 138 19.93 73.06 12.97
C GLU B 138 21.40 72.95 12.57
N ALA B 139 22.32 73.48 13.40
CA ALA B 139 23.77 73.30 13.23
C ALA B 139 24.16 71.82 13.07
PA FAD C . -2.38 -27.17 -11.53
O1A FAD C . -0.96 -26.86 -11.27
O2A FAD C . -3.37 -27.56 -10.38
O5B FAD C . -2.54 -28.46 -12.49
C5B FAD C . -1.68 -28.67 -13.64
C4B FAD C . -1.42 -30.15 -13.61
O4B FAD C . -0.51 -30.48 -14.67
C3B FAD C . -0.78 -30.65 -12.32
O3B FAD C . -1.58 -31.72 -11.80
C2B FAD C . 0.63 -31.06 -12.75
O2B FAD C . 1.18 -32.18 -12.07
C1B FAD C . 0.37 -31.47 -14.19
N9A FAD C . 1.52 -31.52 -15.06
C8A FAD C . 2.61 -30.69 -15.08
N7A FAD C . 3.50 -30.99 -16.01
C5A FAD C . 2.94 -32.09 -16.64
C6A FAD C . 3.38 -32.90 -17.71
N6A FAD C . 4.53 -32.70 -18.36
N1A FAD C . 2.58 -33.93 -18.09
C2A FAD C . 1.43 -34.14 -17.44
N3A FAD C . 0.92 -33.45 -16.42
C4A FAD C . 1.72 -32.44 -16.07
N1 FAD C . -5.73 -20.48 -4.65
C2 FAD C . -6.81 -20.10 -3.90
O2 FAD C . -7.88 -19.74 -4.41
N3 FAD C . -6.70 -20.12 -2.53
C4 FAD C . -5.59 -20.49 -1.80
O4 FAD C . -5.61 -20.48 -0.58
C4X FAD C . -4.47 -20.88 -2.60
N5 FAD C . -3.42 -21.27 -2.00
C5X FAD C . -2.34 -21.68 -2.75
C6 FAD C . -1.20 -22.10 -2.09
C7 FAD C . -0.08 -22.53 -2.79
C7M FAD C . 1.14 -22.98 -2.03
C8 FAD C . -0.12 -22.55 -4.19
C8M FAD C . 1.07 -23.02 -4.98
C9 FAD C . -1.26 -22.13 -4.86
C9A FAD C . -2.38 -21.71 -4.14
N10 FAD C . -3.56 -21.28 -4.78
C10 FAD C . -4.64 -20.87 -4.03
C1' FAD C . -3.66 -21.26 -6.25
C2' FAD C . -4.40 -22.47 -6.83
O2' FAD C . -4.06 -23.65 -6.10
C3' FAD C . -3.99 -22.64 -8.29
O3' FAD C . -4.16 -21.43 -9.00
C4' FAD C . -4.80 -23.71 -8.99
O4' FAD C . -5.28 -24.66 -8.04
C5' FAD C . -3.95 -24.37 -10.06
O5' FAD C . -4.80 -25.19 -10.90
P FAD C . -4.47 -25.38 -12.43
O1P FAD C . -5.54 -26.45 -12.69
O2P FAD C . -4.46 -24.21 -13.24
O3P FAD C . -3.01 -25.99 -12.41
C4 8WC D . -3.09 -14.93 4.33
C5 8WC D . -3.36 -14.64 3.02
C6 8WC D . -4.65 -14.73 2.51
N1 8WC D . -3.19 -11.61 -6.85
C7 8WC D . -4.91 -14.58 1.04
C8 8WC D . -4.34 -15.46 0.07
N2 8WC D . -5.68 -13.54 0.70
C9 8WC D . -3.55 -16.67 0.40
C10 8WC D . -2.29 -16.87 -0.17
C11 8WC D . -1.55 -18.02 0.10
C12 8WC D . -2.05 -18.99 0.97
C13 8WC D . -1.26 -20.14 1.32
C14 8WC D . -3.32 -18.80 1.54
C15 8WC D . -4.05 -17.65 1.26
N 8WC D . -0.60 -21.03 1.57
C 8WC D . -3.80 -15.56 6.67
O 8WC D . -5.58 -13.58 -2.88
C1 8WC D . -4.09 -15.30 5.22
C16 8WC D . -4.53 -15.13 -1.26
C17 8WC D . -5.30 -14.03 -1.61
C18 8WC D . -5.06 -14.27 -4.01
C19 8WC D . -4.11 -13.32 -4.72
C2 8WC D . -5.39 -15.35 4.72
C20 8WC D . -3.64 -13.89 -6.04
C21 8WC D . -2.61 -12.94 -6.63
C22 8WC D . -3.71 -11.05 -5.59
C23 8WC D . -4.75 -11.97 -4.98
C24 8WC D . -5.86 -13.28 -0.60
C3 8WC D . -5.67 -15.06 3.39
C1 GOL E . 9.70 -3.21 -0.09
O1 GOL E . 10.42 -3.68 -1.22
C2 GOL E . 10.67 -2.44 0.92
O2 GOL E . 11.74 -3.23 1.38
C3 GOL E . 11.14 -1.11 0.19
O3 GOL E . 12.00 -0.42 1.06
C1 GOL F . 5.25 -30.32 -1.79
O1 GOL F . 6.31 -29.39 -1.94
C2 GOL F . 4.29 -30.25 -3.08
O2 GOL F . 4.96 -30.31 -4.32
C3 GOL F . 3.22 -31.43 -2.86
O3 GOL F . 3.16 -32.24 -4.02
#